data_3HXJ
#
_entry.id   3HXJ
#
_cell.length_a   99.225
_cell.length_b   66.958
_cell.length_c   112.082
_cell.angle_alpha   90.000
_cell.angle_beta   115.290
_cell.angle_gamma   90.000
#
_symmetry.space_group_name_H-M   'P 1 21 1'
#
loop_
_entity.id
_entity.type
_entity.pdbx_description
1 polymer 'Pyrrolo-quinoline quinone'
2 non-polymer 'SULFATE ION'
3 water water
#
_entity_poly.entity_id   1
_entity_poly.type   'polypeptide(L)'
_entity_poly.pdbx_seq_one_letter_code
;(MSE)LRGGVNDCKIKWEFLIGNSIDSSPILAKNGTIYLGSSNKNLYAINTDGSVKWFFKSGEIIECRPSIGKDGTIYFG
SDKVYAINPDGTEKWRFDTKKAIVSDFTIFEDILYVTS(MSE)DGHLYAINTDGTEKWRFKTKKAIYATPIVSEDGTIYV
GSNDNYLYAINPDGTEKWRFKTNDAITSAASIGKDGTIYFGSDKVYAINPDGTEKWNFYAGYWTVTRPAISEDGTIYVTS
LDGHLYAINPDGTEKWRFKTGKRIESSPVIGNTDTIYFGSYDGHLYAINPDGTEKWNFETGSWIIATPVIDENGTIYFGT
RNGKFYALFNLEHHHHHH
;
_entity_poly.pdbx_strand_id   A,B,C,D
#
# COMPACT_ATOMS: atom_id res chain seq x y z
N LYS A 12 -1.07 -8.55 8.74
CA LYS A 12 -1.12 -10.04 8.74
C LYS A 12 -0.04 -10.63 7.83
N TRP A 13 0.51 -11.76 8.26
CA TRP A 13 1.57 -12.46 7.53
C TRP A 13 2.73 -11.53 7.16
N GLU A 14 3.08 -10.66 8.09
CA GLU A 14 4.17 -9.70 7.89
C GLU A 14 5.49 -10.39 7.62
N PHE A 15 5.68 -11.57 8.20
CA PHE A 15 6.92 -12.33 8.02
C PHE A 15 7.01 -12.96 6.65
N LEU A 16 5.87 -12.99 5.95
CA LEU A 16 5.76 -13.60 4.62
C LEU A 16 5.42 -12.62 3.50
N ILE A 17 4.50 -11.70 3.78
CA ILE A 17 4.04 -10.72 2.80
C ILE A 17 4.43 -9.29 3.17
N GLY A 18 4.94 -8.55 2.18
CA GLY A 18 5.32 -7.18 2.42
C GLY A 18 4.13 -6.26 2.50
N ASN A 19 4.33 -5.08 3.08
CA ASN A 19 3.29 -4.09 3.23
C ASN A 19 3.84 -2.70 2.97
N SER A 20 2.97 -1.79 2.57
CA SER A 20 3.39 -0.42 2.30
C SER A 20 2.45 0.57 2.98
N ILE A 21 3.02 1.58 3.64
CA ILE A 21 2.19 2.59 4.31
C ILE A 21 1.74 3.63 3.29
N ASP A 22 0.51 4.13 3.47
CA ASP A 22 -0.03 5.12 2.55
C ASP A 22 0.79 6.41 2.59
N SER A 23 0.81 7.14 1.48
CA SER A 23 1.55 8.38 1.39
C SER A 23 0.75 9.56 1.94
N SER A 24 1.33 10.27 2.89
CA SER A 24 0.68 11.42 3.50
C SER A 24 1.37 12.72 3.10
N PRO A 25 0.60 13.81 2.93
CA PRO A 25 1.18 15.10 2.55
C PRO A 25 2.03 15.68 3.67
N ILE A 26 3.17 16.25 3.32
CA ILE A 26 4.05 16.82 4.32
C ILE A 26 4.17 18.33 4.14
N LEU A 27 4.15 19.07 5.25
CA LEU A 27 4.28 20.50 5.21
C LEU A 27 5.74 20.87 5.02
N ALA A 28 6.08 21.49 3.90
CA ALA A 28 7.45 21.90 3.64
C ALA A 28 7.72 23.15 4.47
N LYS A 29 8.97 23.38 4.82
CA LYS A 29 9.34 24.54 5.62
C LYS A 29 9.00 25.86 4.95
N ASN A 30 9.07 25.88 3.62
CA ASN A 30 8.78 27.08 2.87
C ASN A 30 7.28 27.42 2.85
N GLY A 31 6.50 26.67 3.61
CA GLY A 31 5.07 26.91 3.68
C GLY A 31 4.26 26.10 2.70
N THR A 32 4.95 25.34 1.84
CA THR A 32 4.27 24.51 0.85
C THR A 32 3.85 23.15 1.41
N ILE A 33 2.94 22.49 0.72
CA ILE A 33 2.47 21.18 1.12
C ILE A 33 2.63 20.23 -0.06
N TYR A 34 3.57 19.30 0.05
CA TYR A 34 3.83 18.32 -1.01
C TYR A 34 2.98 17.08 -0.86
N LEU A 35 2.45 16.61 -1.98
CA LEU A 35 1.60 15.42 -2.00
C LEU A 35 2.29 14.20 -1.43
N GLY A 36 3.55 14.00 -1.79
CA GLY A 36 4.29 12.84 -1.32
C GLY A 36 4.25 11.78 -2.40
N SER A 37 3.07 11.23 -2.65
CA SER A 37 2.93 10.23 -3.70
C SER A 37 3.11 10.94 -5.03
N SER A 38 3.20 12.26 -4.96
CA SER A 38 3.37 13.10 -6.13
C SER A 38 2.27 12.82 -7.14
N ASN A 39 2.69 12.42 -8.34
CA ASN A 39 1.74 12.12 -9.39
C ASN A 39 1.69 10.64 -9.73
N LYS A 40 2.26 9.80 -8.86
CA LYS A 40 2.27 8.36 -9.08
C LYS A 40 0.92 7.84 -9.52
N ASN A 41 -0.12 8.25 -8.79
CA ASN A 41 -1.48 7.82 -9.07
C ASN A 41 -2.28 8.85 -9.87
N LEU A 42 -1.66 9.98 -10.21
CA LEU A 42 -2.37 11.03 -10.93
C LEU A 42 -2.06 11.16 -12.41
N TYR A 43 -0.79 11.12 -12.79
CA TYR A 43 -0.45 11.27 -14.21
C TYR A 43 0.99 10.92 -14.52
N ALA A 44 1.32 10.98 -15.79
CA ALA A 44 2.67 10.70 -16.23
C ALA A 44 3.01 11.77 -17.28
N ILE A 45 4.28 12.07 -17.41
CA ILE A 45 4.69 13.07 -18.39
C ILE A 45 5.24 12.38 -19.63
N ASN A 46 4.57 12.62 -20.75
CA ASN A 46 4.97 12.06 -22.03
C ASN A 46 6.30 12.65 -22.46
N THR A 47 6.99 11.93 -23.34
CA THR A 47 8.30 12.37 -23.83
C THR A 47 8.20 13.78 -24.43
N ASP A 48 7.15 14.02 -25.21
CA ASP A 48 6.97 15.32 -25.85
C ASP A 48 6.60 16.39 -24.82
N GLY A 49 6.46 15.98 -23.56
CA GLY A 49 6.12 16.92 -22.51
C GLY A 49 4.65 16.92 -22.13
N SER A 50 3.82 16.35 -22.99
CA SER A 50 2.37 16.27 -22.74
C SER A 50 2.06 15.60 -21.41
N VAL A 51 0.83 15.79 -20.93
CA VAL A 51 0.40 15.20 -19.67
C VAL A 51 -0.58 14.07 -19.93
N LYS A 52 -0.35 12.94 -19.27
CA LYS A 52 -1.21 11.78 -19.42
C LYS A 52 -1.94 11.56 -18.09
N TRP A 53 -3.18 12.02 -18.00
CA TRP A 53 -3.95 11.86 -16.76
C TRP A 53 -4.51 10.46 -16.60
N PHE A 54 -4.43 9.94 -15.39
CA PHE A 54 -4.94 8.60 -15.10
C PHE A 54 -6.41 8.66 -14.70
N PHE A 55 -7.23 9.27 -15.57
CA PHE A 55 -8.65 9.39 -15.33
C PHE A 55 -9.39 9.14 -16.64
N LYS A 56 -10.65 8.74 -16.53
CA LYS A 56 -11.45 8.47 -17.71
C LYS A 56 -11.51 9.65 -18.66
N SER A 57 -11.44 9.33 -19.94
CA SER A 57 -11.45 10.31 -21.03
C SER A 57 -12.31 11.55 -20.81
N GLY A 58 -13.57 11.35 -20.48
CA GLY A 58 -14.45 12.49 -20.29
C GLY A 58 -14.48 13.13 -18.92
N GLU A 59 -13.33 13.18 -18.23
CA GLU A 59 -13.32 13.79 -16.92
C GLU A 59 -12.24 14.87 -16.82
N ILE A 60 -11.45 15.00 -17.87
CA ILE A 60 -10.39 15.99 -17.91
C ILE A 60 -10.76 17.11 -18.87
N ILE A 61 -10.81 18.33 -18.36
CA ILE A 61 -11.14 19.49 -19.18
C ILE A 61 -10.10 20.59 -19.06
N GLU A 62 -9.48 20.94 -20.17
CA GLU A 62 -8.47 21.99 -20.15
C GLU A 62 -9.15 23.36 -20.07
N CYS A 63 -8.75 24.14 -19.08
CA CYS A 63 -9.32 25.46 -18.85
C CYS A 63 -8.54 26.52 -19.60
N ARG A 64 -9.21 27.64 -19.87
CA ARG A 64 -8.57 28.75 -20.58
C ARG A 64 -8.57 30.00 -19.71
N PRO A 65 -7.48 30.23 -18.98
CA PRO A 65 -7.32 31.39 -18.09
C PRO A 65 -7.40 32.70 -18.87
N SER A 66 -7.75 33.77 -18.16
CA SER A 66 -7.84 35.08 -18.76
C SER A 66 -6.77 35.95 -18.12
N ILE A 67 -6.59 37.15 -18.66
CA ILE A 67 -5.64 38.07 -18.07
C ILE A 67 -6.41 39.35 -17.85
N GLY A 68 -6.51 39.76 -16.58
CA GLY A 68 -7.25 40.97 -16.28
C GLY A 68 -8.74 40.73 -16.33
N LYS A 69 -9.51 41.79 -16.51
CA LYS A 69 -10.96 41.69 -16.55
C LYS A 69 -11.57 42.04 -17.91
N ASP A 70 -10.75 42.55 -18.82
CA ASP A 70 -11.24 42.94 -20.14
C ASP A 70 -11.58 41.76 -21.06
N GLY A 71 -11.30 40.54 -20.60
CA GLY A 71 -11.58 39.38 -21.42
C GLY A 71 -10.37 38.85 -22.17
N THR A 72 -9.23 39.54 -22.01
CA THR A 72 -8.00 39.11 -22.67
C THR A 72 -7.72 37.65 -22.32
N ILE A 73 -7.32 36.88 -23.32
CA ILE A 73 -7.02 35.46 -23.14
C ILE A 73 -5.56 35.23 -22.80
N TYR A 74 -5.31 34.31 -21.88
CA TYR A 74 -3.93 33.99 -21.49
C TYR A 74 -3.34 33.00 -22.50
N PHE A 75 -2.13 33.29 -22.98
CA PHE A 75 -1.44 32.43 -23.94
C PHE A 75 -0.01 32.12 -23.50
N GLY A 76 0.17 31.62 -22.29
CA GLY A 76 1.50 31.29 -21.80
C GLY A 76 1.76 29.81 -21.63
N SER A 77 2.87 29.46 -20.96
CA SER A 77 3.26 28.08 -20.73
C SER A 77 2.44 27.32 -19.70
N ASP A 78 1.79 28.07 -18.81
CA ASP A 78 0.95 27.48 -17.77
C ASP A 78 -0.28 26.82 -18.36
N LYS A 79 -0.59 25.62 -17.88
CA LYS A 79 -1.77 24.90 -18.35
C LYS A 79 -2.62 24.56 -17.14
N VAL A 80 -3.93 24.73 -17.27
CA VAL A 80 -4.86 24.45 -16.18
C VAL A 80 -5.88 23.39 -16.59
N TYR A 81 -6.00 22.34 -15.77
CA TYR A 81 -6.94 21.26 -16.05
C TYR A 81 -7.98 21.11 -14.95
N ALA A 82 -9.21 20.83 -15.36
CA ALA A 82 -10.31 20.60 -14.43
C ALA A 82 -10.56 19.10 -14.45
N ILE A 83 -10.35 18.43 -13.32
CA ILE A 83 -10.56 16.99 -13.24
C ILE A 83 -11.77 16.66 -12.36
N ASN A 84 -12.72 15.93 -12.94
CA ASN A 84 -13.92 15.52 -12.24
C ASN A 84 -13.90 13.99 -12.15
N PRO A 85 -13.15 13.46 -11.16
CA PRO A 85 -13.03 12.02 -10.95
C PRO A 85 -14.30 11.31 -10.51
N ASP A 86 -14.47 10.07 -10.99
CA ASP A 86 -15.60 9.25 -10.64
C ASP A 86 -15.40 8.81 -9.19
N GLY A 87 -16.45 8.30 -8.55
CA GLY A 87 -16.35 7.87 -7.17
C GLY A 87 -15.23 6.86 -6.94
N THR A 88 -15.01 5.99 -7.91
CA THR A 88 -13.97 4.98 -7.82
C THR A 88 -12.57 5.58 -7.94
N GLU A 89 -12.50 6.80 -8.45
CA GLU A 89 -11.22 7.49 -8.64
C GLU A 89 -10.87 8.51 -7.57
N LYS A 90 -11.84 8.84 -6.71
CA LYS A 90 -11.64 9.81 -5.64
C LYS A 90 -10.39 9.61 -4.80
N TRP A 91 -9.96 8.37 -4.65
CA TRP A 91 -8.78 8.05 -3.85
C TRP A 91 -7.48 8.61 -4.41
N ARG A 92 -7.42 8.85 -5.71
CA ARG A 92 -6.20 9.35 -6.33
C ARG A 92 -5.78 10.72 -5.83
N PHE A 93 -6.76 11.50 -5.37
CA PHE A 93 -6.51 12.83 -4.85
C PHE A 93 -7.53 13.21 -3.79
N ASP A 94 -7.09 13.28 -2.54
CA ASP A 94 -7.98 13.64 -1.42
C ASP A 94 -8.44 15.09 -1.58
N THR A 95 -9.68 15.27 -2.05
CA THR A 95 -10.23 16.60 -2.24
C THR A 95 -10.33 17.33 -0.91
N SER A 101 -3.73 19.00 8.72
CA SER A 101 -3.30 17.97 9.65
C SER A 101 -2.95 18.53 11.03
N ASP A 102 -3.00 17.66 12.04
CA ASP A 102 -2.67 18.08 13.40
C ASP A 102 -1.41 17.38 13.87
N PHE A 103 -0.69 16.73 12.94
CA PHE A 103 0.54 16.04 13.31
C PHE A 103 1.63 16.12 12.26
N THR A 104 2.83 15.75 12.67
CA THR A 104 3.98 15.76 11.80
C THR A 104 4.95 14.71 12.35
N ILE A 105 5.45 13.85 11.45
CA ILE A 105 6.37 12.81 11.84
C ILE A 105 7.78 13.24 11.49
N PHE A 106 8.70 13.05 12.43
CA PHE A 106 10.10 13.42 12.22
C PHE A 106 10.99 12.40 12.92
N GLU A 107 11.91 11.80 12.18
CA GLU A 107 12.84 10.81 12.71
C GLU A 107 12.21 9.80 13.67
N ASP A 108 11.26 9.03 13.16
CA ASP A 108 10.59 8.01 13.95
C ASP A 108 9.83 8.49 15.18
N ILE A 109 9.42 9.75 15.19
CA ILE A 109 8.65 10.28 16.29
C ILE A 109 7.46 11.06 15.76
N LEU A 110 6.28 10.72 16.25
CA LEU A 110 5.06 11.40 15.84
C LEU A 110 4.75 12.56 16.78
N TYR A 111 4.69 13.77 16.22
CA TYR A 111 4.36 14.95 17.01
C TYR A 111 2.93 15.31 16.64
N VAL A 112 2.02 15.12 17.58
CA VAL A 112 0.60 15.40 17.33
C VAL A 112 0.03 16.32 18.39
N THR A 113 -0.71 17.33 17.93
CA THR A 113 -1.32 18.27 18.84
C THR A 113 -2.69 17.78 19.24
N SER A 114 -3.25 18.40 20.26
CA SER A 114 -4.56 18.00 20.73
C SER A 114 -5.35 19.19 21.21
N ASP A 116 -6.76 19.34 23.69
CA ASP A 116 -6.59 19.44 25.14
C ASP A 116 -5.44 20.38 25.49
N GLY A 117 -4.90 21.04 24.48
CA GLY A 117 -3.83 22.00 24.68
C GLY A 117 -2.40 21.47 24.75
N HIS A 118 -2.21 20.17 24.62
CA HIS A 118 -0.87 19.60 24.67
C HIS A 118 -0.30 19.22 23.31
N LEU A 119 1.03 19.26 23.20
CA LEU A 119 1.73 18.79 22.01
C LEU A 119 2.25 17.45 22.50
N TYR A 120 1.89 16.38 21.80
CA TYR A 120 2.31 15.03 22.18
C TYR A 120 3.41 14.49 21.25
N ALA A 121 4.39 13.81 21.85
CA ALA A 121 5.48 13.19 21.10
C ALA A 121 5.25 11.69 21.31
N ILE A 122 4.82 11.00 20.25
CA ILE A 122 4.51 9.57 20.31
C ILE A 122 5.49 8.72 19.50
N ASN A 123 5.80 7.55 20.05
CA ASN A 123 6.71 6.63 19.39
C ASN A 123 6.01 5.83 18.32
N THR A 124 6.79 5.01 17.60
CA THR A 124 6.25 4.19 16.53
C THR A 124 5.18 3.23 17.01
N ASP A 125 5.37 2.66 18.19
CA ASP A 125 4.41 1.72 18.73
C ASP A 125 3.15 2.40 19.23
N GLY A 126 3.21 3.72 19.36
CA GLY A 126 2.06 4.46 19.82
C GLY A 126 2.17 4.92 21.26
N THR A 127 3.26 4.55 21.93
CA THR A 127 3.45 4.96 23.32
C THR A 127 3.80 6.45 23.37
N GLU A 128 3.64 7.05 24.54
CA GLU A 128 3.92 8.48 24.72
C GLU A 128 5.34 8.75 25.21
N LYS A 129 6.12 9.49 24.41
CA LYS A 129 7.48 9.84 24.78
C LYS A 129 7.39 10.94 25.84
N TRP A 130 6.64 11.98 25.53
CA TRP A 130 6.42 13.11 26.44
C TRP A 130 5.29 13.98 25.90
N ARG A 131 4.83 14.91 26.72
CA ARG A 131 3.79 15.82 26.30
C ARG A 131 4.15 17.20 26.83
N PHE A 132 3.81 18.22 26.05
CA PHE A 132 4.07 19.60 26.42
C PHE A 132 2.72 20.30 26.49
N LYS A 133 2.43 20.93 27.61
CA LYS A 133 1.15 21.59 27.78
C LYS A 133 1.13 23.10 27.52
N THR A 134 0.10 23.56 26.81
CA THR A 134 -0.08 24.99 26.56
C THR A 134 -1.34 25.33 27.35
N LYS A 135 -1.65 26.61 27.53
CA LYS A 135 -2.80 27.02 28.33
C LYS A 135 -4.18 26.84 27.71
N LYS A 136 -4.23 26.65 26.40
CA LYS A 136 -5.51 26.47 25.70
C LYS A 136 -5.38 25.40 24.62
N ALA A 137 -6.51 25.08 24.00
CA ALA A 137 -6.56 24.08 22.95
C ALA A 137 -5.64 24.47 21.81
N ILE A 138 -5.07 23.48 21.12
CA ILE A 138 -4.22 23.76 19.98
C ILE A 138 -4.93 23.27 18.74
N TYR A 139 -4.96 24.10 17.71
CA TYR A 139 -5.59 23.74 16.45
C TYR A 139 -4.58 23.91 15.34
N ALA A 140 -3.37 24.34 15.69
CA ALA A 140 -2.33 24.55 14.70
C ALA A 140 -1.54 23.28 14.39
N THR A 141 -1.00 23.21 13.18
CA THR A 141 -0.21 22.07 12.77
C THR A 141 1.22 22.33 13.21
N PRO A 142 1.85 21.36 13.86
CA PRO A 142 3.22 21.54 14.33
C PRO A 142 4.24 21.28 13.21
N ILE A 143 5.36 22.00 13.24
CA ILE A 143 6.41 21.79 12.27
C ILE A 143 7.72 21.61 13.05
N VAL A 144 8.66 20.88 12.47
CA VAL A 144 9.95 20.60 13.11
C VAL A 144 11.10 21.15 12.28
N SER A 145 11.98 21.94 12.89
CA SER A 145 13.12 22.52 12.18
C SER A 145 14.23 21.49 12.03
N GLU A 146 15.28 21.86 11.31
CA GLU A 146 16.42 20.98 11.09
C GLU A 146 17.02 20.43 12.38
N ASP A 147 17.19 21.29 13.38
CA ASP A 147 17.78 20.85 14.65
C ASP A 147 16.81 20.16 15.61
N GLY A 148 15.64 19.77 15.11
CA GLY A 148 14.67 19.08 15.94
C GLY A 148 13.71 19.93 16.75
N THR A 149 13.85 21.25 16.71
CA THR A 149 12.96 22.14 17.45
C THR A 149 11.56 22.04 16.85
N ILE A 150 10.54 21.86 17.70
CA ILE A 150 9.17 21.78 17.20
C ILE A 150 8.47 23.12 17.42
N TYR A 151 7.97 23.72 16.35
CA TYR A 151 7.28 24.99 16.45
C TYR A 151 5.77 24.81 16.31
N VAL A 152 5.02 25.32 17.28
CA VAL A 152 3.57 25.22 17.20
C VAL A 152 2.89 26.30 18.03
N GLY A 153 1.79 26.82 17.50
CA GLY A 153 1.04 27.86 18.17
C GLY A 153 -0.18 27.32 18.87
N SER A 154 -0.73 28.11 19.78
CA SER A 154 -1.88 27.68 20.55
C SER A 154 -2.97 28.72 20.61
N ASN A 155 -4.15 28.30 21.06
CA ASN A 155 -5.24 29.26 21.21
C ASN A 155 -4.91 30.17 22.40
N ASP A 156 -3.80 29.90 23.08
CA ASP A 156 -3.44 30.75 24.22
C ASP A 156 -2.68 31.98 23.74
N ASN A 157 -2.61 32.14 22.42
CA ASN A 157 -1.95 33.27 21.74
C ASN A 157 -0.44 33.21 21.64
N TYR A 158 0.14 32.14 22.15
CA TYR A 158 1.59 31.97 22.12
C TYR A 158 2.08 31.00 21.05
N LEU A 159 3.27 31.28 20.54
CA LEU A 159 3.92 30.40 19.60
C LEU A 159 4.96 29.73 20.50
N TYR A 160 5.03 28.41 20.50
CA TYR A 160 6.01 27.71 21.33
C TYR A 160 7.10 27.06 20.53
N ALA A 161 8.29 27.09 21.10
CA ALA A 161 9.45 26.44 20.49
C ALA A 161 9.80 25.36 21.52
N ILE A 162 9.58 24.10 21.14
CA ILE A 162 9.83 22.99 22.05
C ILE A 162 11.04 22.17 21.63
N ASN A 163 11.90 21.84 22.58
CA ASN A 163 13.09 21.03 22.28
C ASN A 163 12.72 19.56 22.10
N PRO A 164 13.61 18.78 21.45
CA PRO A 164 13.37 17.37 21.21
C PRO A 164 13.02 16.62 22.51
N ASP A 165 13.55 17.08 23.64
CA ASP A 165 13.27 16.39 24.90
C ASP A 165 11.99 16.85 25.60
N GLY A 166 11.18 17.65 24.91
CA GLY A 166 9.93 18.11 25.49
C GLY A 166 10.00 19.35 26.37
N THR A 167 11.17 19.95 26.48
CA THR A 167 11.30 21.16 27.29
C THR A 167 11.07 22.38 26.39
N GLU A 168 10.71 23.50 27.02
CA GLU A 168 10.45 24.73 26.29
C GLU A 168 11.72 25.54 26.00
N LYS A 169 12.01 25.74 24.72
CA LYS A 169 13.17 26.52 24.33
C LYS A 169 12.78 27.99 24.59
N TRP A 170 11.59 28.36 24.14
CA TRP A 170 11.06 29.70 24.33
C TRP A 170 9.63 29.77 23.84
N ARG A 171 8.97 30.89 24.10
CA ARG A 171 7.61 31.08 23.62
C ARG A 171 7.45 32.55 23.27
N PHE A 172 6.64 32.84 22.27
CA PHE A 172 6.43 34.20 21.83
C PHE A 172 4.96 34.58 21.95
N LYS A 173 4.69 35.61 22.73
CA LYS A 173 3.34 36.07 22.97
C LYS A 173 2.79 36.96 21.85
N THR A 174 1.56 36.68 21.42
CA THR A 174 0.90 37.51 20.41
C THR A 174 -0.43 37.93 21.03
N ASN A 175 -1.24 38.64 20.26
CA ASN A 175 -2.53 39.13 20.76
C ASN A 175 -3.72 38.34 20.26
N ASP A 176 -3.49 37.15 19.71
CA ASP A 176 -4.59 36.36 19.18
C ASP A 176 -4.21 34.89 19.05
N ALA A 177 -5.20 34.02 18.93
CA ALA A 177 -4.95 32.59 18.81
C ALA A 177 -4.18 32.25 17.54
N ILE A 178 -3.24 31.32 17.66
CA ILE A 178 -2.45 30.88 16.51
C ILE A 178 -3.06 29.55 16.07
N THR A 179 -3.76 29.58 14.95
CA THR A 179 -4.43 28.39 14.44
C THR A 179 -3.85 27.88 13.13
N SER A 180 -2.75 28.48 12.69
CA SER A 180 -2.10 28.05 11.46
C SER A 180 -0.66 27.65 11.75
N ALA A 181 -0.10 26.80 10.89
CA ALA A 181 1.26 26.34 11.05
C ALA A 181 2.23 27.46 10.70
N ALA A 182 3.46 27.35 11.16
CA ALA A 182 4.48 28.36 10.86
C ALA A 182 5.33 27.92 9.68
N SER A 183 6.10 28.84 9.12
CA SER A 183 6.99 28.56 7.99
C SER A 183 8.40 28.97 8.43
N ILE A 184 9.43 28.35 7.86
CA ILE A 184 10.81 28.67 8.21
C ILE A 184 11.64 29.01 6.98
N GLY A 185 12.24 30.20 6.97
CA GLY A 185 13.07 30.60 5.85
C GLY A 185 14.45 29.99 5.97
N LYS A 186 15.20 29.97 4.87
CA LYS A 186 16.55 29.40 4.87
C LYS A 186 17.40 30.00 5.98
N ASP A 187 17.14 31.29 6.24
CA ASP A 187 17.80 32.08 7.25
C ASP A 187 17.56 31.49 8.65
N GLY A 188 16.43 30.81 8.79
CA GLY A 188 16.09 30.22 10.08
C GLY A 188 14.94 31.00 10.69
N THR A 189 14.68 32.20 10.15
CA THR A 189 13.59 33.05 10.64
C THR A 189 12.28 32.29 10.60
N ILE A 190 11.50 32.36 11.68
CA ILE A 190 10.22 31.67 11.74
C ILE A 190 9.08 32.65 11.44
N TYR A 191 8.23 32.30 10.47
CA TYR A 191 7.10 33.15 10.06
C TYR A 191 5.76 32.49 10.36
N PHE A 192 4.88 33.26 11.01
CA PHE A 192 3.55 32.74 11.33
C PHE A 192 2.59 33.92 11.51
N GLY A 193 1.30 33.62 11.61
CA GLY A 193 0.33 34.69 11.78
C GLY A 193 -0.68 34.45 12.89
N SER A 194 -1.13 35.54 13.51
CA SER A 194 -2.14 35.53 14.55
C SER A 194 -2.83 36.89 14.37
N ASP A 195 -2.68 37.82 15.31
CA ASP A 195 -3.31 39.13 15.13
C ASP A 195 -2.67 39.83 13.95
N LYS A 196 -1.43 39.46 13.65
CA LYS A 196 -0.67 40.01 12.51
C LYS A 196 0.38 38.99 12.10
N VAL A 197 1.12 39.29 11.04
CA VAL A 197 2.17 38.39 10.58
C VAL A 197 3.40 38.68 11.44
N TYR A 198 4.07 37.63 11.91
CA TYR A 198 5.27 37.80 12.75
C TYR A 198 6.47 37.08 12.14
N ALA A 199 7.64 37.69 12.29
CA ALA A 199 8.90 37.09 11.82
C ALA A 199 9.71 36.95 13.12
N ILE A 200 10.01 35.73 13.53
CA ILE A 200 10.75 35.51 14.78
C ILE A 200 12.13 34.87 14.55
N ASN A 201 13.13 35.37 15.27
CA ASN A 201 14.48 34.83 15.15
C ASN A 201 14.58 33.48 15.84
N PRO A 202 15.51 32.62 15.40
CA PRO A 202 15.67 31.31 16.03
C PRO A 202 15.74 31.33 17.57
N ASP A 203 16.21 32.44 18.12
CA ASP A 203 16.33 32.56 19.57
C ASP A 203 15.06 33.01 20.28
N GLY A 204 13.99 33.26 19.51
CA GLY A 204 12.74 33.67 20.12
C GLY A 204 12.47 35.16 20.15
N THR A 205 13.42 35.98 19.68
CA THR A 205 13.20 37.42 19.66
C THR A 205 12.53 37.81 18.35
N GLU A 206 11.73 38.87 18.39
CA GLU A 206 11.02 39.35 17.21
C GLU A 206 11.92 40.10 16.24
N LYS A 207 11.85 39.73 14.96
CA LYS A 207 12.64 40.40 13.92
C LYS A 207 11.79 41.57 13.45
N TRP A 208 10.49 41.30 13.30
CA TRP A 208 9.50 42.29 12.91
C TRP A 208 8.11 41.67 12.80
N ASN A 209 7.13 42.52 12.56
CA ASN A 209 5.75 42.06 12.41
C ASN A 209 5.14 42.93 11.32
N PHE A 210 4.08 42.42 10.70
CA PHE A 210 3.42 43.11 9.60
C PHE A 210 1.93 42.78 9.66
N TYR A 211 1.09 43.79 9.55
CA TYR A 211 -0.35 43.56 9.60
C TYR A 211 -0.88 43.49 8.17
N ALA A 212 -1.34 42.31 7.77
CA ALA A 212 -1.84 42.13 6.41
C ALA A 212 -3.32 42.47 6.22
N GLY A 213 -3.78 43.55 6.83
CA GLY A 213 -5.15 43.98 6.67
C GLY A 213 -6.21 43.20 7.41
N TYR A 214 -5.80 42.13 8.09
CA TYR A 214 -6.71 41.28 8.83
C TYR A 214 -5.86 40.33 9.66
N TRP A 215 -6.47 39.69 10.65
CA TRP A 215 -5.73 38.71 11.43
C TRP A 215 -5.42 37.62 10.39
N THR A 216 -4.33 36.91 10.61
CA THR A 216 -3.86 35.87 9.70
C THR A 216 -4.25 34.46 10.17
N VAL A 217 -4.77 33.65 9.26
CA VAL A 217 -5.19 32.29 9.60
C VAL A 217 -4.58 31.25 8.65
N THR A 218 -3.59 31.65 7.86
CA THR A 218 -2.97 30.72 6.92
C THR A 218 -1.45 30.78 7.02
N ARG A 219 -0.76 29.82 6.40
CA ARG A 219 0.70 29.80 6.44
C ARG A 219 1.33 30.72 5.40
N PRO A 220 2.43 31.38 5.78
CA PRO A 220 3.12 32.28 4.85
C PRO A 220 3.92 31.42 3.87
N ALA A 221 4.08 31.89 2.64
CA ALA A 221 4.86 31.17 1.65
C ALA A 221 6.18 31.92 1.48
N ILE A 222 7.28 31.19 1.55
CA ILE A 222 8.61 31.77 1.45
C ILE A 222 9.28 31.49 0.12
N SER A 223 9.62 32.56 -0.60
CA SER A 223 10.28 32.45 -1.90
C SER A 223 11.78 32.23 -1.76
N GLU A 224 12.42 31.85 -2.86
CA GLU A 224 13.86 31.62 -2.86
C GLU A 224 14.62 32.92 -2.56
N ASP A 225 14.16 34.02 -3.14
CA ASP A 225 14.81 35.31 -2.92
C ASP A 225 14.49 35.88 -1.54
N GLY A 226 13.71 35.14 -0.75
CA GLY A 226 13.37 35.59 0.59
C GLY A 226 12.04 36.30 0.77
N THR A 227 11.35 36.60 -0.32
CA THR A 227 10.06 37.27 -0.22
C THR A 227 9.06 36.40 0.55
N ILE A 228 8.27 37.02 1.41
CA ILE A 228 7.26 36.28 2.18
C ILE A 228 5.88 36.64 1.64
N TYR A 229 5.16 35.65 1.15
CA TYR A 229 3.82 35.91 0.62
C TYR A 229 2.75 35.44 1.59
N VAL A 230 1.74 36.28 1.81
CA VAL A 230 0.63 35.88 2.68
C VAL A 230 -0.66 36.34 2.02
N THR A 231 -1.65 35.47 2.04
CA THR A 231 -2.96 35.82 1.50
C THR A 231 -3.67 36.43 2.70
N SER A 232 -4.73 37.19 2.47
CA SER A 232 -5.45 37.77 3.59
C SER A 232 -6.94 37.76 3.39
N LEU A 233 -7.63 37.66 4.51
CA LEU A 233 -9.08 37.65 4.51
C LEU A 233 -9.58 38.98 3.99
N ASP A 234 -8.70 39.97 3.90
CA ASP A 234 -9.12 41.29 3.39
C ASP A 234 -9.21 41.37 1.86
N GLY A 235 -9.00 40.23 1.20
CA GLY A 235 -9.07 40.21 -0.25
C GLY A 235 -7.82 40.73 -0.95
N HIS A 236 -6.66 40.33 -0.44
CA HIS A 236 -5.38 40.75 -1.01
C HIS A 236 -4.34 39.66 -0.86
N LEU A 237 -3.39 39.64 -1.80
CA LEU A 237 -2.23 38.76 -1.70
C LEU A 237 -1.18 39.81 -1.35
N TYR A 238 -0.44 39.60 -0.26
CA TYR A 238 0.60 40.55 0.14
C TYR A 238 1.97 39.93 -0.11
N ALA A 239 2.91 40.76 -0.51
CA ALA A 239 4.28 40.32 -0.72
C ALA A 239 5.08 41.15 0.25
N ILE A 240 5.79 40.48 1.16
CA ILE A 240 6.58 41.16 2.20
C ILE A 240 8.07 40.93 2.02
N ASN A 241 8.86 42.00 2.09
CA ASN A 241 10.31 41.90 1.95
C ASN A 241 10.91 41.29 3.21
N PRO A 242 12.14 40.74 3.10
CA PRO A 242 12.84 40.12 4.22
C PRO A 242 12.92 41.02 5.45
N ASP A 243 12.97 42.34 5.21
CA ASP A 243 13.06 43.30 6.30
C ASP A 243 11.70 43.70 6.89
N GLY A 244 10.63 43.04 6.43
CA GLY A 244 9.31 43.34 6.94
C GLY A 244 8.55 44.45 6.24
N THR A 245 9.15 45.05 5.22
CA THR A 245 8.46 46.13 4.49
C THR A 245 7.59 45.52 3.39
N GLU A 246 6.49 46.19 3.06
CA GLU A 246 5.61 45.69 2.03
C GLU A 246 6.23 45.87 0.65
N LYS A 247 6.32 44.79 -0.10
CA LYS A 247 6.86 44.87 -1.45
C LYS A 247 5.70 45.38 -2.32
N TRP A 248 4.58 44.69 -2.25
CA TRP A 248 3.37 45.05 -2.98
C TRP A 248 2.17 44.24 -2.49
N ARG A 249 1.00 44.57 -3.00
CA ARG A 249 -0.22 43.85 -2.67
C ARG A 249 -1.04 43.74 -3.96
N PHE A 250 -1.72 42.61 -4.15
CA PHE A 250 -2.56 42.37 -5.33
C PHE A 250 -4.00 42.20 -4.84
N LYS A 251 -4.88 43.04 -5.32
CA LYS A 251 -6.27 43.02 -4.88
C LYS A 251 -7.21 42.05 -5.58
N THR A 252 -8.06 41.37 -4.81
CA THR A 252 -9.10 40.49 -5.35
C THR A 252 -10.40 40.98 -4.74
N GLY A 253 -11.51 40.66 -5.37
CA GLY A 253 -12.78 41.10 -4.83
C GLY A 253 -13.39 40.19 -3.77
N LYS A 254 -12.71 39.08 -3.47
CA LYS A 254 -13.22 38.11 -2.51
C LYS A 254 -12.19 37.73 -1.44
N ARG A 255 -12.67 37.44 -0.23
CA ARG A 255 -11.77 37.03 0.83
C ARG A 255 -10.97 35.78 0.43
N ILE A 256 -9.72 35.70 0.88
CA ILE A 256 -8.88 34.55 0.59
C ILE A 256 -8.67 33.82 1.91
N GLU A 257 -9.10 32.57 1.98
CA GLU A 257 -8.99 31.82 3.22
C GLU A 257 -7.94 30.71 3.22
N SER A 258 -7.22 30.56 2.12
CA SER A 258 -6.19 29.54 2.04
C SER A 258 -4.84 30.14 1.72
N SER A 259 -3.77 29.40 2.00
CA SER A 259 -2.41 29.88 1.76
C SER A 259 -2.06 29.92 0.27
N PRO A 260 -1.08 30.75 -0.09
CA PRO A 260 -0.64 30.87 -1.49
C PRO A 260 0.42 29.79 -1.73
N VAL A 261 0.70 29.45 -2.99
CA VAL A 261 1.70 28.46 -3.32
C VAL A 261 2.64 28.99 -4.41
N ILE A 262 3.94 28.72 -4.29
CA ILE A 262 4.91 29.20 -5.26
C ILE A 262 5.27 28.17 -6.34
N GLY A 263 4.98 28.50 -7.59
CA GLY A 263 5.27 27.60 -8.69
C GLY A 263 6.76 27.48 -9.01
N ASN A 264 7.10 26.56 -9.89
CA ASN A 264 8.50 26.33 -10.28
C ASN A 264 9.18 27.51 -10.94
N THR A 265 8.40 28.48 -11.42
CA THR A 265 8.94 29.65 -12.08
C THR A 265 8.80 30.93 -11.24
N ASP A 266 8.66 30.76 -9.93
CA ASP A 266 8.51 31.88 -9.01
C ASP A 266 7.13 32.53 -9.06
N THR A 267 6.23 31.99 -9.86
CA THR A 267 4.88 32.53 -9.93
C THR A 267 4.19 32.18 -8.62
N ILE A 268 3.31 33.06 -8.15
CA ILE A 268 2.57 32.79 -6.91
C ILE A 268 1.10 32.52 -7.25
N TYR A 269 0.59 31.38 -6.80
CA TYR A 269 -0.80 31.01 -7.07
C TYR A 269 -1.66 30.95 -5.81
N PHE A 270 -2.94 31.28 -5.95
CA PHE A 270 -3.86 31.23 -4.83
C PHE A 270 -5.29 31.34 -5.36
N GLY A 271 -6.25 31.11 -4.49
CA GLY A 271 -7.63 31.21 -4.90
C GLY A 271 -8.51 31.78 -3.80
N SER A 272 -9.45 32.63 -4.18
CA SER A 272 -10.37 33.20 -3.19
C SER A 272 -11.39 32.11 -2.88
N TYR A 273 -12.21 32.34 -1.86
CA TYR A 273 -13.18 31.33 -1.43
C TYR A 273 -14.14 30.86 -2.52
N ASP A 274 -14.47 31.74 -3.45
CA ASP A 274 -15.41 31.39 -4.53
C ASP A 274 -14.79 30.59 -5.67
N GLY A 275 -13.54 30.16 -5.49
CA GLY A 275 -12.88 29.37 -6.52
C GLY A 275 -12.23 30.19 -7.63
N HIS A 276 -12.02 31.47 -7.39
CA HIS A 276 -11.38 32.30 -8.40
C HIS A 276 -9.86 32.13 -8.24
N LEU A 277 -9.25 31.46 -9.21
CA LEU A 277 -7.80 31.20 -9.17
C LEU A 277 -6.99 32.36 -9.76
N TYR A 278 -5.82 32.61 -9.16
CA TYR A 278 -4.93 33.70 -9.59
C TYR A 278 -3.46 33.27 -9.67
N ALA A 279 -2.78 33.78 -10.68
CA ALA A 279 -1.35 33.54 -10.91
C ALA A 279 -0.73 34.93 -10.92
N ILE A 280 0.15 35.20 -9.97
CA ILE A 280 0.80 36.50 -9.84
C ILE A 280 2.30 36.42 -10.05
N ASN A 281 2.85 37.36 -10.81
CA ASN A 281 4.28 37.41 -11.07
C ASN A 281 4.96 38.02 -9.83
N PRO A 282 6.24 37.70 -9.61
CA PRO A 282 6.99 38.22 -8.46
C PRO A 282 6.95 39.74 -8.34
N ASP A 283 6.75 40.42 -9.47
CA ASP A 283 6.72 41.87 -9.45
C ASP A 283 5.35 42.41 -9.05
N GLY A 284 4.41 41.50 -8.77
CA GLY A 284 3.09 41.92 -8.35
C GLY A 284 2.07 42.04 -9.47
N THR A 285 2.50 41.91 -10.73
CA THR A 285 1.56 42.01 -11.83
C THR A 285 0.91 40.65 -12.02
N GLU A 286 -0.34 40.65 -12.48
CA GLU A 286 -1.08 39.42 -12.71
C GLU A 286 -0.56 38.67 -13.93
N LYS A 287 -0.44 37.34 -13.81
CA LYS A 287 -0.01 36.55 -14.97
C LYS A 287 -1.30 36.04 -15.62
N TRP A 288 -2.23 35.52 -14.81
CA TRP A 288 -3.55 35.08 -15.28
C TRP A 288 -4.54 34.84 -14.12
N ASN A 289 -5.83 34.73 -14.45
CA ASN A 289 -6.85 34.45 -13.46
C ASN A 289 -7.89 33.54 -14.12
N PHE A 290 -8.58 32.73 -13.33
CA PHE A 290 -9.55 31.77 -13.88
C PHE A 290 -10.63 31.53 -12.86
N GLU A 291 -11.88 31.74 -13.26
CA GLU A 291 -13.01 31.49 -12.38
C GLU A 291 -13.46 30.04 -12.59
N THR A 292 -13.32 29.22 -11.55
CA THR A 292 -13.71 27.82 -11.66
C THR A 292 -15.21 27.66 -11.49
N GLY A 293 -15.80 28.56 -10.70
CA GLY A 293 -17.21 28.48 -10.46
C GLY A 293 -17.46 27.48 -9.33
N SER A 294 -16.39 27.00 -8.72
CA SER A 294 -16.52 26.04 -7.63
C SER A 294 -15.79 26.54 -6.40
N TRP A 295 -16.54 26.71 -5.31
CA TRP A 295 -15.98 27.18 -4.07
C TRP A 295 -14.85 26.27 -3.59
N ILE A 296 -13.84 26.87 -2.98
CA ILE A 296 -12.72 26.11 -2.46
C ILE A 296 -12.44 26.56 -1.04
N ILE A 297 -11.91 25.67 -0.22
CA ILE A 297 -11.60 26.00 1.15
C ILE A 297 -10.30 25.33 1.54
N ALA A 298 -9.96 24.25 0.84
CA ALA A 298 -8.74 23.51 1.11
C ALA A 298 -7.51 24.24 0.56
N THR A 299 -6.38 24.07 1.22
CA THR A 299 -5.17 24.71 0.77
C THR A 299 -4.63 23.96 -0.44
N PRO A 300 -3.95 24.68 -1.35
CA PRO A 300 -3.41 24.00 -2.52
C PRO A 300 -2.22 23.14 -2.09
N VAL A 301 -1.88 22.16 -2.92
CA VAL A 301 -0.77 21.25 -2.67
C VAL A 301 0.07 21.18 -3.95
N ILE A 302 1.32 20.76 -3.84
CA ILE A 302 2.18 20.67 -5.01
C ILE A 302 2.95 19.34 -5.06
N ASP A 303 3.25 18.85 -6.26
CA ASP A 303 4.02 17.60 -6.39
C ASP A 303 5.45 17.88 -6.82
N GLU A 304 6.25 16.83 -6.94
CA GLU A 304 7.66 16.98 -7.30
C GLU A 304 7.88 17.55 -8.68
N ASN A 305 6.82 17.62 -9.48
CA ASN A 305 6.93 18.18 -10.82
C ASN A 305 6.53 19.64 -10.78
N GLY A 306 6.22 20.15 -9.59
CA GLY A 306 5.83 21.53 -9.49
C GLY A 306 4.36 21.74 -9.82
N THR A 307 3.66 20.67 -10.17
CA THR A 307 2.24 20.78 -10.49
C THR A 307 1.49 21.13 -9.20
N ILE A 308 0.59 22.10 -9.28
CA ILE A 308 -0.19 22.57 -8.14
C ILE A 308 -1.64 22.12 -8.25
N TYR A 309 -2.22 21.69 -7.13
CA TYR A 309 -3.60 21.21 -7.15
C TYR A 309 -4.53 21.98 -6.20
N PHE A 310 -5.68 22.39 -6.72
CA PHE A 310 -6.68 23.09 -5.90
C PHE A 310 -7.91 22.19 -5.82
N GLY A 311 -8.16 21.64 -4.64
CA GLY A 311 -9.32 20.79 -4.48
C GLY A 311 -10.56 21.63 -4.21
N THR A 312 -11.68 21.26 -4.80
CA THR A 312 -12.91 22.02 -4.61
C THR A 312 -13.86 21.32 -3.64
N ARG A 313 -14.83 22.09 -3.13
CA ARG A 313 -15.81 21.57 -2.21
C ARG A 313 -16.71 20.52 -2.88
N ASN A 314 -17.01 20.72 -4.16
CA ASN A 314 -17.87 19.80 -4.91
C ASN A 314 -17.21 18.54 -5.46
N GLY A 315 -16.05 18.18 -4.93
CA GLY A 315 -15.38 16.96 -5.37
C GLY A 315 -14.35 17.02 -6.48
N LYS A 316 -14.32 18.11 -7.24
CA LYS A 316 -13.33 18.20 -8.32
C LYS A 316 -12.03 18.82 -7.87
N PHE A 317 -11.09 18.91 -8.80
CA PHE A 317 -9.82 19.55 -8.48
C PHE A 317 -9.21 20.11 -9.74
N TYR A 318 -8.48 21.20 -9.58
CA TYR A 318 -7.84 21.85 -10.69
C TYR A 318 -6.33 21.71 -10.55
N ALA A 319 -5.70 21.26 -11.63
CA ALA A 319 -4.27 21.07 -11.66
C ALA A 319 -3.63 22.11 -12.56
N LEU A 320 -2.57 22.73 -12.05
CA LEU A 320 -1.83 23.77 -12.77
C LEU A 320 -0.43 23.28 -13.14
N PHE A 321 -0.11 23.34 -14.43
CA PHE A 321 1.21 22.91 -14.92
C PHE A 321 2.07 24.08 -15.37
N ASN A 322 3.37 23.88 -15.36
CA ASN A 322 4.33 24.90 -15.79
C ASN A 322 5.35 24.31 -16.76
N LYS B 12 -29.03 23.00 -7.63
CA LYS B 12 -29.00 23.64 -6.29
C LYS B 12 -27.65 23.55 -5.58
N TRP B 13 -27.02 24.70 -5.37
CA TRP B 13 -25.73 24.77 -4.68
C TRP B 13 -24.62 23.97 -5.35
N GLU B 14 -24.69 23.84 -6.67
CA GLU B 14 -23.67 23.09 -7.40
C GLU B 14 -22.28 23.61 -7.09
N PHE B 15 -22.17 24.93 -6.92
CA PHE B 15 -20.88 25.55 -6.62
C PHE B 15 -20.33 25.08 -5.28
N LEU B 16 -21.21 24.63 -4.39
CA LEU B 16 -20.81 24.17 -3.07
C LEU B 16 -20.72 22.65 -2.98
N ILE B 17 -21.78 21.98 -3.43
CA ILE B 17 -21.84 20.52 -3.39
C ILE B 17 -21.89 19.96 -4.80
N PRO B 25 -24.73 15.04 4.52
CA PRO B 25 -25.09 14.67 5.89
C PRO B 25 -25.76 15.81 6.64
N ILE B 26 -26.74 15.47 7.48
CA ILE B 26 -27.47 16.47 8.24
C ILE B 26 -27.09 16.42 9.71
N LEU B 27 -26.93 17.60 10.32
CA LEU B 27 -26.57 17.70 11.72
C LEU B 27 -27.83 17.93 12.54
N ALA B 28 -28.42 16.85 13.05
CA ALA B 28 -29.64 16.96 13.84
C ALA B 28 -29.47 17.94 15.02
N LYS B 29 -30.59 18.48 15.49
CA LYS B 29 -30.55 19.42 16.59
C LYS B 29 -30.17 18.75 17.91
N ASN B 30 -30.44 17.46 18.02
CA ASN B 30 -30.10 16.72 19.24
C ASN B 30 -28.60 16.47 19.37
N GLY B 31 -27.87 16.70 18.28
CA GLY B 31 -26.44 16.50 18.30
C GLY B 31 -25.92 15.40 17.40
N THR B 32 -26.79 14.50 16.96
CA THR B 32 -26.37 13.41 16.09
C THR B 32 -26.24 13.83 14.62
N ILE B 33 -25.38 13.14 13.89
CA ILE B 33 -25.17 13.43 12.47
C ILE B 33 -25.63 12.24 11.63
N TYR B 34 -26.60 12.47 10.75
CA TYR B 34 -27.13 11.43 9.88
C TYR B 34 -26.46 11.43 8.50
N LEU B 35 -26.29 10.25 7.93
CA LEU B 35 -25.68 10.11 6.62
C LEU B 35 -26.66 10.52 5.52
N SER B 38 -28.66 6.46 1.99
CA SER B 38 -27.83 6.77 3.15
C SER B 38 -26.95 5.58 3.54
N ASN B 39 -27.29 4.40 3.04
CA ASN B 39 -26.53 3.19 3.32
C ASN B 39 -26.72 2.16 2.21
N LYS B 40 -27.46 2.55 1.18
CA LYS B 40 -27.74 1.67 0.06
C LYS B 40 -26.45 1.19 -0.61
N ASN B 41 -25.43 2.04 -0.58
CA ASN B 41 -24.15 1.72 -1.19
C ASN B 41 -23.21 1.04 -0.20
N LEU B 42 -23.73 0.71 0.98
CA LEU B 42 -22.91 0.06 2.00
C LEU B 42 -23.32 -1.39 2.27
N TYR B 43 -24.59 -1.60 2.58
CA TYR B 43 -25.05 -2.95 2.88
C TYR B 43 -26.54 -3.16 2.63
N ALA B 44 -27.02 -4.28 3.14
CA ALA B 44 -28.42 -4.68 3.01
C ALA B 44 -28.71 -5.71 4.10
N ILE B 45 -29.90 -5.63 4.67
CA ILE B 45 -30.30 -6.56 5.73
C ILE B 45 -30.93 -7.82 5.14
N ASN B 46 -30.41 -8.98 5.55
CA ASN B 46 -30.91 -10.27 5.07
C ASN B 46 -32.19 -10.68 5.79
N THR B 47 -33.00 -11.49 5.10
CA THR B 47 -34.26 -11.97 5.64
C THR B 47 -34.13 -12.49 7.07
N ASP B 48 -33.28 -13.51 7.25
CA ASP B 48 -33.05 -14.11 8.56
C ASP B 48 -32.55 -13.10 9.59
N GLY B 49 -32.08 -11.95 9.11
CA GLY B 49 -31.60 -10.92 10.01
C GLY B 49 -30.14 -10.55 9.81
N SER B 50 -29.43 -11.35 9.01
CA SER B 50 -28.02 -11.11 8.75
C SER B 50 -27.83 -9.81 7.95
N VAL B 51 -26.57 -9.48 7.66
CA VAL B 51 -26.26 -8.26 6.90
C VAL B 51 -25.32 -8.57 5.73
N LYS B 52 -25.69 -8.08 4.54
CA LYS B 52 -24.90 -8.31 3.34
C LYS B 52 -24.10 -7.06 3.03
N TRP B 53 -22.77 -7.18 3.04
CA TRP B 53 -21.89 -6.04 2.76
C TRP B 53 -21.53 -5.93 1.29
N PHE B 54 -21.30 -4.70 0.84
CA PHE B 54 -20.95 -4.43 -0.55
C PHE B 54 -19.48 -4.06 -0.69
N PHE B 55 -18.61 -4.86 -0.07
CA PHE B 55 -17.17 -4.63 -0.14
C PHE B 55 -16.44 -5.93 -0.47
N SER B 57 -14.87 -8.96 0.85
CA SER B 57 -14.76 -10.26 1.49
C SER B 57 -13.76 -10.22 2.64
N GLY B 58 -12.48 -10.14 2.31
CA GLY B 58 -11.45 -10.09 3.33
C GLY B 58 -11.32 -8.70 3.93
N GLU B 59 -12.18 -7.80 3.47
CA GLU B 59 -12.18 -6.42 3.96
C GLU B 59 -13.18 -6.24 5.11
N ILE B 60 -14.16 -7.14 5.18
CA ILE B 60 -15.16 -7.09 6.23
C ILE B 60 -14.83 -8.15 7.28
N ILE B 61 -14.69 -7.71 8.53
CA ILE B 61 -14.37 -8.63 9.62
C ILE B 61 -15.16 -8.26 10.87
N GLU B 62 -15.92 -9.22 11.40
CA GLU B 62 -16.71 -8.95 12.59
C GLU B 62 -15.83 -8.94 13.82
N CYS B 63 -16.15 -8.06 14.76
CA CYS B 63 -15.38 -7.92 16.00
C CYS B 63 -16.21 -8.39 17.19
N ARG B 64 -15.55 -8.90 18.22
CA ARG B 64 -16.27 -9.36 19.40
C ARG B 64 -15.94 -8.46 20.58
N PRO B 65 -16.87 -7.57 20.94
CA PRO B 65 -16.71 -6.64 22.05
C PRO B 65 -16.47 -7.33 23.40
N SER B 66 -15.92 -6.56 24.35
CA SER B 66 -15.66 -7.08 25.69
C SER B 66 -16.55 -6.33 26.66
N ILE B 67 -16.46 -6.70 27.93
CA ILE B 67 -17.25 -6.05 28.97
C ILE B 67 -16.35 -5.80 30.16
N GLY B 68 -16.02 -4.54 30.38
CA GLY B 68 -15.14 -4.19 31.50
C GLY B 68 -13.69 -4.37 31.08
N LYS B 69 -12.85 -4.76 32.03
CA LYS B 69 -11.43 -4.97 31.74
C LYS B 69 -10.97 -6.35 32.19
N ASP B 70 -11.81 -7.05 32.96
CA ASP B 70 -11.48 -8.38 33.45
C ASP B 70 -11.20 -9.34 32.30
N GLY B 71 -12.14 -9.45 31.36
CA GLY B 71 -11.96 -10.35 30.24
C GLY B 71 -13.27 -10.83 29.66
N THR B 72 -14.36 -10.55 30.34
CA THR B 72 -15.69 -10.96 29.89
C THR B 72 -15.95 -10.59 28.43
N ILE B 73 -16.44 -11.55 27.66
CA ILE B 73 -16.73 -11.31 26.25
C ILE B 73 -18.20 -10.89 26.11
N TYR B 74 -18.48 -10.03 25.14
CA TYR B 74 -19.83 -9.55 24.91
C TYR B 74 -20.55 -10.30 23.78
N PHE B 75 -21.78 -10.70 24.04
CA PHE B 75 -22.59 -11.40 23.05
C PHE B 75 -24.06 -11.05 23.20
N GLY B 76 -24.34 -9.74 23.09
CA GLY B 76 -25.69 -9.25 23.19
C GLY B 76 -26.23 -8.99 21.79
N SER B 77 -27.28 -8.18 21.69
CA SER B 77 -27.87 -7.87 20.40
C SER B 77 -26.98 -6.98 19.53
N ASP B 78 -26.09 -6.23 20.19
CA ASP B 78 -25.17 -5.33 19.49
C ASP B 78 -24.12 -6.09 18.68
N LYS B 79 -23.87 -5.60 17.48
CA LYS B 79 -22.88 -6.22 16.60
C LYS B 79 -21.96 -5.16 16.02
N VAL B 80 -20.66 -5.43 16.03
CA VAL B 80 -19.67 -4.49 15.53
C VAL B 80 -18.84 -5.11 14.41
N TYR B 81 -18.73 -4.39 13.29
CA TYR B 81 -17.96 -4.87 12.15
C TYR B 81 -16.84 -3.92 11.77
N ALA B 82 -15.66 -4.48 11.49
CA ALA B 82 -14.50 -3.71 11.09
C ALA B 82 -14.46 -3.69 9.56
N ILE B 83 -14.36 -2.50 9.00
CA ILE B 83 -14.34 -2.35 7.55
C ILE B 83 -13.07 -1.66 7.05
N ASN B 84 -12.33 -2.35 6.20
CA ASN B 84 -11.10 -1.81 5.64
C ASN B 84 -11.25 -1.78 4.11
N PRO B 85 -11.93 -0.75 3.58
CA PRO B 85 -12.16 -0.59 2.15
C PRO B 85 -10.93 -0.26 1.31
N ASP B 86 -10.98 -0.64 0.03
CA ASP B 86 -9.89 -0.38 -0.89
C ASP B 86 -10.01 1.07 -1.37
N GLY B 87 -8.92 1.63 -1.86
CA GLY B 87 -8.95 3.00 -2.33
C GLY B 87 -10.11 3.29 -3.28
N THR B 88 -10.40 2.35 -4.16
CA THR B 88 -11.47 2.53 -5.13
C THR B 88 -12.85 2.23 -4.56
N GLU B 89 -12.93 2.03 -3.25
CA GLU B 89 -14.20 1.73 -2.59
C GLU B 89 -14.57 2.81 -1.59
N LYS B 90 -13.60 3.62 -1.19
CA LYS B 90 -13.82 4.68 -0.21
C LYS B 90 -15.04 5.54 -0.53
N TRP B 91 -15.38 5.68 -1.81
CA TRP B 91 -16.53 6.49 -2.20
C TRP B 91 -17.82 6.05 -1.51
N ARG B 92 -17.92 4.76 -1.18
CA ARG B 92 -19.12 4.24 -0.53
C ARG B 92 -19.40 4.92 0.80
N PHE B 93 -18.37 5.55 1.37
CA PHE B 93 -18.51 6.27 2.63
C PHE B 93 -17.27 7.08 2.98
N SER B 101 -19.17 20.48 9.24
CA SER B 101 -18.73 21.45 8.24
C SER B 101 -18.80 22.87 8.78
N ASP B 102 -18.66 23.85 7.89
CA ASP B 102 -18.72 25.25 8.28
C ASP B 102 -19.99 25.91 7.74
N PHE B 103 -20.94 25.10 7.28
CA PHE B 103 -22.18 25.64 6.73
C PHE B 103 -23.43 24.77 6.93
N THR B 104 -24.59 25.38 6.79
CA THR B 104 -25.86 24.68 6.90
C THR B 104 -26.85 25.37 5.98
N ILE B 105 -27.73 24.59 5.34
CA ILE B 105 -28.71 25.14 4.44
C ILE B 105 -30.10 25.06 5.07
N PHE B 106 -30.80 26.19 5.10
CA PHE B 106 -32.13 26.25 5.71
C PHE B 106 -33.08 27.04 4.80
N GLU B 107 -34.18 26.42 4.40
CA GLU B 107 -35.14 27.09 3.56
C GLU B 107 -34.52 27.85 2.38
N ASP B 108 -33.75 27.14 1.56
CA ASP B 108 -33.10 27.69 0.38
C ASP B 108 -32.06 28.79 0.61
N ILE B 109 -31.56 28.92 1.83
CA ILE B 109 -30.55 29.93 2.12
C ILE B 109 -29.32 29.22 2.69
N LEU B 110 -28.14 29.55 2.15
CA LEU B 110 -26.90 28.95 2.61
C LEU B 110 -26.30 29.82 3.72
N TYR B 111 -26.11 29.24 4.90
CA TYR B 111 -25.51 29.93 6.04
C TYR B 111 -24.11 29.36 6.22
N VAL B 112 -23.09 30.13 5.86
CA VAL B 112 -21.72 29.67 5.98
C VAL B 112 -20.86 30.61 6.81
N THR B 113 -20.08 30.05 7.73
CA THR B 113 -19.22 30.85 8.59
C THR B 113 -17.86 31.02 7.93
N SER B 114 -17.08 31.97 8.42
CA SER B 114 -15.76 32.22 7.85
C SER B 114 -14.75 32.54 8.93
N ASP B 116 -12.95 34.83 8.74
CA ASP B 116 -12.87 36.28 8.75
C ASP B 116 -13.83 36.80 9.83
N GLY B 117 -14.44 35.88 10.58
CA GLY B 117 -15.33 36.26 11.67
C GLY B 117 -16.80 36.51 11.37
N HIS B 118 -17.18 36.40 10.10
CA HIS B 118 -18.57 36.63 9.71
C HIS B 118 -19.38 35.37 9.52
N LEU B 119 -20.69 35.51 9.70
CA LEU B 119 -21.61 34.43 9.42
C LEU B 119 -22.25 34.99 8.12
N TYR B 120 -22.14 34.27 7.01
CA TYR B 120 -22.72 34.73 5.74
C TYR B 120 -24.02 34.01 5.36
N ALA B 121 -24.98 34.77 4.86
CA ALA B 121 -26.25 34.20 4.40
C ALA B 121 -26.13 34.34 2.88
N ILE B 122 -26.09 33.21 2.18
CA ILE B 122 -25.90 33.20 0.74
C ILE B 122 -27.10 32.73 -0.06
N ASN B 123 -27.40 33.45 -1.14
CA ASN B 123 -28.52 33.08 -2.01
C ASN B 123 -28.14 31.90 -2.89
N THR B 124 -29.16 31.29 -3.50
CA THR B 124 -28.95 30.14 -4.36
C THR B 124 -28.01 30.45 -5.53
N ASP B 125 -28.02 31.71 -5.97
CA ASP B 125 -27.16 32.11 -7.08
C ASP B 125 -25.74 32.45 -6.63
N GLY B 126 -25.47 32.30 -5.34
CA GLY B 126 -24.14 32.61 -4.83
C GLY B 126 -23.98 34.05 -4.34
N THR B 127 -25.02 34.85 -4.50
CA THR B 127 -25.00 36.24 -4.07
C THR B 127 -25.15 36.33 -2.55
N GLU B 128 -24.61 37.38 -1.95
CA GLU B 128 -24.69 37.56 -0.50
C GLU B 128 -26.00 38.22 -0.10
N LYS B 129 -26.76 37.58 0.79
CA LYS B 129 -28.01 38.17 1.25
C LYS B 129 -27.61 39.17 2.32
N TRP B 130 -26.75 38.74 3.24
CA TRP B 130 -26.23 39.61 4.30
C TRP B 130 -25.10 38.91 5.02
N ARG B 131 -24.44 39.64 5.92
CA ARG B 131 -23.35 39.07 6.69
C ARG B 131 -23.41 39.65 8.10
N PHE B 132 -23.08 38.81 9.07
CA PHE B 132 -23.11 39.17 10.49
C PHE B 132 -21.69 38.99 11.00
N LYS B 133 -21.10 40.06 11.50
CA LYS B 133 -19.72 40.00 11.96
C LYS B 133 -19.55 39.80 13.46
N THR B 134 -18.66 38.88 13.82
CA THR B 134 -18.35 38.65 15.22
C THR B 134 -16.94 39.25 15.36
N LYS B 135 -16.42 39.33 16.59
CA LYS B 135 -15.12 39.96 16.84
C LYS B 135 -13.90 39.12 16.47
N LYS B 136 -14.08 37.82 16.28
CA LYS B 136 -12.95 36.95 15.95
C LYS B 136 -13.34 35.89 14.92
N ALA B 137 -12.35 35.10 14.53
CA ALA B 137 -12.56 34.02 13.59
C ALA B 137 -13.65 33.10 14.11
N ILE B 138 -14.39 32.50 13.19
CA ILE B 138 -15.40 31.55 13.57
C ILE B 138 -14.94 30.19 13.04
N TYR B 139 -14.91 29.21 13.92
CA TYR B 139 -14.51 27.85 13.56
C TYR B 139 -15.61 26.87 13.92
N ALA B 140 -16.72 27.39 14.42
CA ALA B 140 -17.85 26.55 14.81
C ALA B 140 -18.85 26.39 13.68
N THR B 141 -19.51 25.24 13.61
CA THR B 141 -20.50 25.05 12.56
C THR B 141 -21.79 25.73 13.03
N PRO B 142 -22.48 26.45 12.14
CA PRO B 142 -23.73 27.12 12.52
C PRO B 142 -24.92 26.15 12.48
N ILE B 143 -25.93 26.40 13.31
CA ILE B 143 -27.14 25.57 13.30
C ILE B 143 -28.32 26.51 13.27
N VAL B 144 -29.41 26.08 12.67
CA VAL B 144 -30.61 26.91 12.56
C VAL B 144 -31.77 26.23 13.26
N SER B 145 -32.43 26.94 14.17
CA SER B 145 -33.56 26.39 14.91
C SER B 145 -34.77 26.36 13.98
N GLU B 146 -35.82 25.63 14.37
CA GLU B 146 -37.01 25.53 13.55
C GLU B 146 -37.70 26.85 13.23
N ASP B 147 -37.57 27.84 14.10
CA ASP B 147 -38.22 29.12 13.83
C ASP B 147 -37.32 30.07 13.02
N GLY B 148 -36.20 29.56 12.53
CA GLY B 148 -35.30 30.37 11.72
C GLY B 148 -34.12 31.04 12.39
N THR B 149 -34.04 31.00 13.71
CA THR B 149 -32.95 31.63 14.43
C THR B 149 -31.62 30.89 14.24
N ILE B 150 -30.58 31.62 13.84
CA ILE B 150 -29.29 30.96 13.67
C ILE B 150 -28.43 31.08 14.92
N TYR B 151 -27.84 29.96 15.34
CA TYR B 151 -26.98 29.92 16.52
C TYR B 151 -25.57 29.52 16.13
N VAL B 152 -24.60 30.36 16.45
CA VAL B 152 -23.21 30.05 16.15
C VAL B 152 -22.28 30.74 17.14
N GLY B 153 -21.22 30.03 17.52
CA GLY B 153 -20.24 30.58 18.44
C GLY B 153 -19.04 31.13 17.69
N SER B 154 -18.22 31.93 18.38
CA SER B 154 -17.05 32.58 17.80
C SER B 154 -15.84 32.51 18.71
N ASN B 155 -14.66 32.73 18.15
CA ASN B 155 -13.45 32.74 18.96
C ASN B 155 -13.47 33.98 19.85
N ASP B 156 -14.54 34.80 19.74
CA ASP B 156 -14.61 35.98 20.60
C ASP B 156 -15.33 35.64 21.91
N ASN B 157 -15.53 34.34 22.13
CA ASN B 157 -16.14 33.75 23.32
C ASN B 157 -17.65 33.92 23.47
N TYR B 158 -18.29 34.49 22.46
CA TYR B 158 -19.73 34.69 22.50
C TYR B 158 -20.49 33.70 21.64
N LEU B 159 -21.69 33.35 22.09
CA LEU B 159 -22.58 32.49 21.33
C LEU B 159 -23.55 33.53 20.77
N TYR B 160 -23.78 33.51 19.46
CA TYR B 160 -24.69 34.48 18.83
C TYR B 160 -26.00 33.87 18.36
N ALA B 161 -27.09 34.59 18.60
CA ALA B 161 -28.42 34.19 18.15
C ALA B 161 -28.75 35.22 17.08
N ILE B 162 -28.80 34.79 15.83
CA ILE B 162 -29.05 35.71 14.72
C ILE B 162 -30.41 35.49 14.06
N ASN B 163 -31.16 36.57 13.84
CA ASN B 163 -32.46 36.46 13.19
C ASN B 163 -32.28 36.24 11.69
N PRO B 164 -33.32 35.72 11.03
CA PRO B 164 -33.26 35.46 9.59
C PRO B 164 -32.88 36.72 8.78
N ASP B 165 -33.19 37.91 9.30
CA ASP B 165 -32.85 39.13 8.59
C ASP B 165 -31.42 39.60 8.84
N GLY B 166 -30.62 38.80 9.52
CA GLY B 166 -29.24 39.18 9.76
C GLY B 166 -29.03 40.06 10.98
N THR B 167 -30.13 40.33 11.69
CA THR B 167 -30.12 41.14 12.90
C THR B 167 -29.77 40.27 14.11
N GLU B 168 -29.10 40.85 15.11
CA GLU B 168 -28.73 40.10 16.31
C GLU B 168 -29.94 39.98 17.24
N LYS B 169 -30.32 38.75 17.59
CA LYS B 169 -31.45 38.56 18.50
C LYS B 169 -30.84 38.80 19.88
N TRP B 170 -29.73 38.13 20.15
CA TRP B 170 -28.97 38.28 21.39
C TRP B 170 -27.64 37.54 21.26
N ARG B 171 -26.79 37.71 22.27
CA ARG B 171 -25.50 37.03 22.32
C ARG B 171 -25.26 36.67 23.78
N PHE B 172 -24.47 35.63 24.01
CA PHE B 172 -24.15 35.17 25.36
C PHE B 172 -22.64 35.07 25.51
N LYS B 173 -22.10 35.75 26.50
CA LYS B 173 -20.66 35.76 26.74
C LYS B 173 -20.16 34.57 27.55
N THR B 174 -19.06 33.97 27.10
CA THR B 174 -18.45 32.86 27.82
C THR B 174 -17.01 33.26 28.08
N ASN B 175 -16.21 32.36 28.64
CA ASN B 175 -14.83 32.71 28.94
C ASN B 175 -13.79 32.12 27.99
N ASP B 176 -14.24 31.36 26.99
CA ASP B 176 -13.29 30.77 26.04
C ASP B 176 -13.92 30.71 24.66
N ALA B 177 -13.09 30.45 23.65
CA ALA B 177 -13.55 30.37 22.27
C ALA B 177 -14.58 29.27 22.07
N ILE B 178 -15.62 29.54 21.29
CA ILE B 178 -16.60 28.51 21.01
C ILE B 178 -16.19 27.96 19.65
N THR B 179 -15.80 26.69 19.63
CA THR B 179 -15.33 26.05 18.41
C THR B 179 -16.11 24.84 17.96
N SER B 180 -17.23 24.58 18.63
CA SER B 180 -18.06 23.45 18.26
C SER B 180 -19.49 23.93 18.12
N ALA B 181 -20.31 23.16 17.39
CA ALA B 181 -21.69 23.51 17.16
C ALA B 181 -22.55 23.35 18.40
N ALA B 182 -23.70 24.02 18.41
CA ALA B 182 -24.62 23.94 19.53
C ALA B 182 -25.67 22.89 19.22
N SER B 183 -26.41 22.49 20.25
CA SER B 183 -27.48 21.52 20.10
C SER B 183 -28.70 22.13 20.74
N ILE B 184 -29.88 21.78 20.24
CA ILE B 184 -31.12 22.32 20.77
C ILE B 184 -31.99 21.19 21.31
N GLY B 185 -32.49 21.36 22.53
CA GLY B 185 -33.35 20.36 23.14
C GLY B 185 -34.80 20.57 22.74
N LYS B 186 -35.68 19.68 23.17
CA LYS B 186 -37.09 19.79 22.81
C LYS B 186 -37.74 21.09 23.26
N ASP B 187 -37.39 21.57 24.44
CA ASP B 187 -37.97 22.80 24.95
C ASP B 187 -37.27 24.04 24.40
N GLY B 188 -36.43 23.85 23.39
CA GLY B 188 -35.71 24.97 22.81
C GLY B 188 -34.41 25.35 23.49
N THR B 189 -34.10 24.73 24.63
CA THR B 189 -32.86 25.07 25.31
C THR B 189 -31.67 24.81 24.38
N ILE B 190 -30.78 25.78 24.29
CA ILE B 190 -29.60 25.66 23.43
C ILE B 190 -28.39 25.22 24.26
N TYR B 191 -27.75 24.12 23.86
CA TYR B 191 -26.59 23.62 24.59
C TYR B 191 -25.31 23.70 23.76
N PHE B 192 -24.25 24.19 24.37
CA PHE B 192 -22.96 24.29 23.70
C PHE B 192 -21.90 24.39 24.78
N GLY B 193 -20.64 24.30 24.36
CA GLY B 193 -19.57 24.41 25.34
C GLY B 193 -18.40 25.24 24.89
N SER B 194 -17.69 25.79 25.87
CA SER B 194 -16.49 26.58 25.65
C SER B 194 -15.67 26.34 26.93
N ASP B 195 -15.49 27.34 27.80
CA ASP B 195 -14.72 27.10 29.03
C ASP B 195 -15.46 26.03 29.84
N LYS B 196 -16.76 25.93 29.64
CA LYS B 196 -17.57 24.92 30.29
C LYS B 196 -18.80 24.67 29.41
N VAL B 197 -19.68 23.77 29.84
CA VAL B 197 -20.90 23.48 29.10
C VAL B 197 -21.96 24.47 29.56
N TYR B 198 -22.69 25.05 28.61
CA TYR B 198 -23.74 26.02 28.94
C TYR B 198 -25.09 25.60 28.39
N ALA B 199 -26.14 25.89 29.15
CA ALA B 199 -27.50 25.60 28.75
C ALA B 199 -28.14 26.99 28.72
N ILE B 200 -28.62 27.40 27.56
CA ILE B 200 -29.19 28.73 27.39
C ILE B 200 -30.65 28.72 26.98
N ASN B 201 -31.43 29.60 27.61
CA ASN B 201 -32.86 29.72 27.30
C ASN B 201 -33.01 30.42 25.95
N PRO B 202 -34.08 30.10 25.20
CA PRO B 202 -34.33 30.70 23.89
C PRO B 202 -34.22 32.23 23.89
N ASP B 203 -34.38 32.85 25.06
CA ASP B 203 -34.29 34.31 25.20
C ASP B 203 -32.88 34.80 25.50
N GLY B 204 -31.92 33.87 25.54
CA GLY B 204 -30.54 34.26 25.78
C GLY B 204 -30.05 34.28 27.22
N THR B 205 -30.93 33.98 28.17
CA THR B 205 -30.53 33.97 29.58
C THR B 205 -29.99 32.59 29.88
N GLU B 206 -28.99 32.51 30.75
CA GLU B 206 -28.40 31.24 31.09
C GLU B 206 -29.30 30.43 32.01
N LYS B 207 -29.59 29.20 31.63
CA LYS B 207 -30.42 28.32 32.45
C LYS B 207 -29.50 27.71 33.52
N TRP B 208 -28.30 27.31 33.09
CA TRP B 208 -27.27 26.76 33.98
C TRP B 208 -26.01 26.43 33.18
N ASN B 209 -24.92 26.16 33.89
CA ASN B 209 -23.67 25.79 33.25
C ASN B 209 -23.07 24.60 34.00
N PHE B 210 -22.24 23.82 33.33
CA PHE B 210 -21.65 22.62 33.92
C PHE B 210 -20.23 22.42 33.41
N TYR B 211 -19.27 22.30 34.33
CA TYR B 211 -17.88 22.10 33.96
C TYR B 211 -17.52 20.63 33.89
N ALA B 212 -17.35 20.13 32.67
CA ALA B 212 -17.02 18.71 32.46
C ALA B 212 -15.55 18.37 32.64
N GLY B 213 -14.93 18.95 33.66
CA GLY B 213 -13.53 18.66 33.96
C GLY B 213 -12.51 19.14 32.94
N TYR B 214 -12.97 19.91 31.96
CA TYR B 214 -12.08 20.42 30.92
C TYR B 214 -12.92 21.32 30.03
N TRP B 215 -12.25 22.18 29.26
CA TRP B 215 -13.01 23.04 28.35
C TRP B 215 -13.61 22.07 27.35
N THR B 216 -14.73 22.48 26.75
CA THR B 216 -15.47 21.66 25.80
C THR B 216 -15.14 22.03 24.35
N VAL B 217 -14.92 21.01 23.51
CA VAL B 217 -14.59 21.24 22.10
C VAL B 217 -15.46 20.43 21.12
N THR B 218 -16.43 19.70 21.65
CA THR B 218 -17.33 18.89 20.83
C THR B 218 -18.78 19.20 21.22
N ARG B 219 -19.72 18.92 20.33
CA ARG B 219 -21.12 19.22 20.62
C ARG B 219 -21.80 18.21 21.55
N PRO B 220 -22.76 18.67 22.35
CA PRO B 220 -23.48 17.78 23.26
C PRO B 220 -24.46 16.89 22.48
N ALA B 221 -24.80 15.74 23.07
CA ALA B 221 -25.77 14.83 22.46
C ALA B 221 -26.96 14.79 23.41
N ILE B 222 -28.15 15.09 22.91
CA ILE B 222 -29.36 15.12 23.73
C ILE B 222 -30.23 13.90 23.49
N SER B 223 -30.60 13.19 24.55
CA SER B 223 -31.43 12.00 24.40
C SER B 223 -32.91 12.39 24.42
N GLU B 224 -33.76 11.41 24.13
CA GLU B 224 -35.21 11.62 24.13
C GLU B 224 -35.68 12.03 25.52
N ASP B 225 -35.02 11.48 26.53
CA ASP B 225 -35.34 11.74 27.92
C ASP B 225 -34.92 13.15 28.35
N GLY B 226 -34.15 13.81 27.51
CA GLY B 226 -33.69 15.15 27.84
C GLY B 226 -32.34 15.13 28.53
N THR B 227 -31.75 13.96 28.65
CA THR B 227 -30.44 13.84 29.27
C THR B 227 -29.44 14.44 28.28
N ILE B 228 -28.48 15.22 28.80
CA ILE B 228 -27.47 15.84 27.96
C ILE B 228 -26.16 15.09 28.10
N TYR B 229 -25.67 14.53 27.00
CA TYR B 229 -24.42 13.78 27.04
C TYR B 229 -23.27 14.57 26.42
N VAL B 230 -22.11 14.49 27.04
CA VAL B 230 -20.97 15.19 26.51
C VAL B 230 -19.69 14.44 26.85
N THR B 231 -18.81 14.29 25.86
CA THR B 231 -17.54 13.63 26.10
C THR B 231 -16.60 14.71 26.58
N SER B 232 -15.50 14.31 27.19
CA SER B 232 -14.55 15.28 27.72
C SER B 232 -13.12 14.90 27.41
N LEU B 233 -12.27 15.92 27.36
CA LEU B 233 -10.88 15.71 27.10
C LEU B 233 -10.26 15.12 28.37
N ASP B 234 -11.02 15.10 29.47
CA ASP B 234 -10.50 14.54 30.72
C ASP B 234 -10.68 13.03 30.77
N GLY B 235 -11.20 12.46 29.69
CA GLY B 235 -11.37 11.01 29.60
C GLY B 235 -12.70 10.45 30.04
N HIS B 236 -13.63 11.30 30.44
CA HIS B 236 -14.95 10.83 30.87
C HIS B 236 -16.06 11.16 29.89
N LEU B 237 -17.14 10.40 30.01
CA LEU B 237 -18.34 10.64 29.24
C LEU B 237 -19.25 11.14 30.37
N TYR B 238 -19.76 12.36 30.24
CA TYR B 238 -20.63 12.91 31.26
C TYR B 238 -22.10 12.88 30.88
N ALA B 239 -22.94 12.61 31.86
CA ALA B 239 -24.39 12.58 31.64
C ALA B 239 -24.94 13.70 32.53
N ILE B 240 -25.62 14.65 31.93
CA ILE B 240 -26.16 15.78 32.67
C ILE B 240 -27.68 15.82 32.61
N ASN B 241 -28.32 15.98 33.77
CA ASN B 241 -29.78 16.06 33.84
C ASN B 241 -30.22 17.42 33.31
N PRO B 242 -31.47 17.49 32.81
CA PRO B 242 -32.02 18.74 32.26
C PRO B 242 -31.89 19.93 33.22
N ASP B 243 -31.77 19.64 34.52
CA ASP B 243 -31.65 20.71 35.49
C ASP B 243 -30.21 21.14 35.74
N GLY B 244 -29.28 20.56 35.00
CA GLY B 244 -27.89 20.92 35.16
C GLY B 244 -27.09 20.07 36.15
N THR B 245 -27.77 19.19 36.87
CA THR B 245 -27.08 18.34 37.84
C THR B 245 -26.44 17.15 37.13
N GLU B 246 -25.33 16.65 37.67
CA GLU B 246 -24.64 15.52 37.08
C GLU B 246 -25.46 14.27 37.32
N LYS B 247 -25.70 13.48 36.26
CA LYS B 247 -26.45 12.24 36.41
C LYS B 247 -25.43 11.14 36.73
N TRP B 248 -24.30 11.19 36.03
CA TRP B 248 -23.20 10.24 36.23
C TRP B 248 -22.06 10.47 35.25
N ARG B 249 -20.94 9.80 35.49
CA ARG B 249 -19.79 9.92 34.59
C ARG B 249 -19.14 8.55 34.40
N PHE B 250 -18.60 8.32 33.20
CA PHE B 250 -17.93 7.06 32.89
C PHE B 250 -16.48 7.39 32.57
N LYS B 251 -15.55 6.79 33.31
CA LYS B 251 -14.13 7.06 33.11
C LYS B 251 -13.48 6.10 32.11
N THR B 252 -12.53 6.61 31.32
CA THR B 252 -11.81 5.77 30.37
C THR B 252 -10.32 5.97 30.52
N GLY B 253 -9.93 7.07 31.17
CA GLY B 253 -8.52 7.35 31.35
C GLY B 253 -7.84 7.79 30.06
N LYS B 254 -8.62 7.95 29.01
CA LYS B 254 -8.11 8.38 27.71
C LYS B 254 -8.92 9.56 27.21
N ARG B 255 -8.24 10.62 26.78
CA ARG B 255 -8.92 11.81 26.29
C ARG B 255 -9.87 11.53 25.13
N ILE B 256 -11.06 12.12 25.19
CA ILE B 256 -12.07 11.94 24.14
C ILE B 256 -12.11 13.22 23.31
N GLU B 257 -11.87 13.12 22.02
CA GLU B 257 -11.85 14.29 21.17
C GLU B 257 -13.00 14.35 20.18
N SER B 258 -13.95 13.42 20.32
CA SER B 258 -15.11 13.39 19.42
C SER B 258 -16.41 13.32 20.21
N SER B 259 -17.49 13.79 19.62
CA SER B 259 -18.79 13.78 20.26
C SER B 259 -19.34 12.37 20.41
N PRO B 260 -20.29 12.19 21.35
CA PRO B 260 -20.90 10.89 21.59
C PRO B 260 -22.14 10.79 20.68
N VAL B 261 -22.57 9.57 20.39
CA VAL B 261 -23.75 9.35 19.55
C VAL B 261 -24.67 8.36 20.27
N ILE B 262 -25.97 8.60 20.17
CA ILE B 262 -26.96 7.74 20.82
C ILE B 262 -27.68 6.87 19.80
N GLY B 263 -27.69 5.57 20.03
CA GLY B 263 -28.36 4.66 19.10
C GLY B 263 -29.86 4.58 19.37
N ASN B 264 -30.55 3.71 18.62
CA ASN B 264 -31.99 3.54 18.78
C ASN B 264 -32.38 2.79 20.05
N THR B 265 -31.39 2.31 20.78
CA THR B 265 -31.64 1.57 22.01
C THR B 265 -31.35 2.44 23.24
N ASP B 266 -31.20 3.74 23.01
CA ASP B 266 -30.88 4.71 24.05
C ASP B 266 -29.45 4.53 24.55
N THR B 267 -28.74 3.59 23.93
CA THR B 267 -27.36 3.32 24.30
C THR B 267 -26.48 4.44 23.75
N ILE B 268 -25.49 4.86 24.53
CA ILE B 268 -24.59 5.93 24.10
C ILE B 268 -23.22 5.39 23.73
N TYR B 269 -22.76 5.75 22.54
CA TYR B 269 -21.47 5.28 22.05
C TYR B 269 -20.47 6.42 21.84
N PHE B 270 -19.19 6.10 22.00
CA PHE B 270 -18.15 7.10 21.79
C PHE B 270 -16.80 6.39 21.71
N GLY B 271 -15.78 7.14 21.31
CA GLY B 271 -14.46 6.55 21.21
C GLY B 271 -13.38 7.50 21.70
N SER B 272 -12.43 6.97 22.46
CA SER B 272 -11.33 7.78 22.95
C SER B 272 -10.36 7.97 21.79
N TYR B 273 -9.44 8.91 21.94
CA TYR B 273 -8.48 9.22 20.87
C TYR B 273 -7.74 8.01 20.30
N ASP B 274 -7.45 7.03 21.16
CA ASP B 274 -6.72 5.84 20.74
C ASP B 274 -7.59 4.82 20.02
N GLY B 275 -8.82 5.21 19.72
CA GLY B 275 -9.73 4.31 19.03
C GLY B 275 -10.41 3.29 19.93
N HIS B 276 -10.40 3.53 21.23
CA HIS B 276 -11.06 2.59 22.12
C HIS B 276 -12.54 2.97 22.17
N LEU B 277 -13.37 2.12 21.56
CA LEU B 277 -14.81 2.34 21.50
C LEU B 277 -15.53 1.87 22.77
N TYR B 278 -16.58 2.59 23.15
CA TYR B 278 -17.37 2.28 24.34
C TYR B 278 -18.86 2.42 24.08
N ALA B 279 -19.63 1.57 24.75
CA ALA B 279 -21.07 1.56 24.64
C ALA B 279 -21.59 1.59 26.08
N ILE B 280 -22.21 2.71 26.46
CA ILE B 280 -22.72 2.85 27.83
C ILE B 280 -24.23 2.93 27.87
N ASN B 281 -24.81 2.26 28.86
CA ASN B 281 -26.26 2.26 29.03
C ASN B 281 -26.67 3.57 29.67
N PRO B 282 -27.95 3.95 29.51
CA PRO B 282 -28.48 5.20 30.07
C PRO B 282 -28.29 5.36 31.57
N ASP B 283 -28.14 4.24 32.27
CA ASP B 283 -27.99 4.27 33.72
C ASP B 283 -26.53 4.47 34.12
N GLY B 284 -25.65 4.57 33.14
CA GLY B 284 -24.25 4.77 33.44
C GLY B 284 -23.40 3.52 33.39
N THR B 285 -24.03 2.35 33.38
CA THR B 285 -23.28 1.09 33.33
C THR B 285 -22.77 0.82 31.91
N GLU B 286 -21.61 0.18 31.82
CA GLU B 286 -21.02 -0.15 30.53
C GLU B 286 -21.72 -1.31 29.87
N LYS B 287 -22.05 -1.17 28.60
CA LYS B 287 -22.70 -2.25 27.86
C LYS B 287 -21.59 -3.11 27.26
N TRP B 288 -20.59 -2.45 26.66
CA TRP B 288 -19.45 -3.15 26.09
C TRP B 288 -18.37 -2.19 25.59
N ASN B 289 -17.15 -2.70 25.43
CA ASN B 289 -16.05 -1.87 24.95
C ASN B 289 -15.18 -2.68 24.01
N PHE B 290 -14.64 -2.02 22.99
CA PHE B 290 -13.80 -2.67 22.00
C PHE B 290 -12.59 -1.81 21.65
N GLU B 291 -11.40 -2.35 21.93
CA GLU B 291 -10.16 -1.64 21.60
C GLU B 291 -9.87 -1.84 20.12
N THR B 292 -10.06 -0.78 19.35
CA THR B 292 -9.83 -0.81 17.91
C THR B 292 -8.36 -0.87 17.50
N GLY B 293 -7.51 -0.18 18.27
CA GLY B 293 -6.10 -0.16 17.93
C GLY B 293 -5.84 0.86 16.85
N SER B 294 -6.89 1.59 16.47
CA SER B 294 -6.78 2.62 15.42
C SER B 294 -7.32 3.95 15.94
N TRP B 295 -6.44 4.96 15.99
CA TRP B 295 -6.84 6.27 16.48
C TRP B 295 -8.08 6.83 15.80
N ILE B 296 -8.90 7.50 16.59
CA ILE B 296 -10.14 8.11 16.13
C ILE B 296 -10.22 9.57 16.54
N ILE B 297 -10.61 10.42 15.60
CA ILE B 297 -10.76 11.85 15.87
C ILE B 297 -12.09 12.34 15.30
N ALA B 298 -12.54 11.71 14.22
CA ALA B 298 -13.79 12.09 13.57
C ALA B 298 -15.01 11.74 14.41
N THR B 299 -16.06 12.54 14.27
CA THR B 299 -17.27 12.30 15.02
C THR B 299 -18.03 11.15 14.37
N PRO B 300 -18.64 10.28 15.19
CA PRO B 300 -19.39 9.16 14.62
C PRO B 300 -20.63 9.69 13.92
N VAL B 301 -21.21 8.87 13.05
CA VAL B 301 -22.42 9.21 12.32
C VAL B 301 -23.36 8.00 12.32
N ILE B 302 -24.62 8.23 11.97
CA ILE B 302 -25.60 7.15 11.95
C ILE B 302 -26.46 7.25 10.68
N ASP B 303 -26.92 6.10 10.17
CA ASP B 303 -27.75 6.08 8.96
C ASP B 303 -29.23 5.90 9.30
N GLU B 304 -30.08 5.87 8.27
CA GLU B 304 -31.51 5.71 8.49
C GLU B 304 -31.91 4.36 9.10
N ASN B 305 -30.94 3.46 9.22
CA ASN B 305 -31.21 2.15 9.80
C ASN B 305 -30.77 2.09 11.26
N GLY B 306 -30.18 3.19 11.73
CA GLY B 306 -29.74 3.24 13.11
C GLY B 306 -28.33 2.70 13.28
N THR B 307 -27.67 2.44 12.15
CA THR B 307 -26.31 1.93 12.17
C THR B 307 -25.34 3.07 12.41
N ILE B 308 -24.48 2.90 13.39
CA ILE B 308 -23.50 3.91 13.75
C ILE B 308 -22.14 3.59 13.13
N TYR B 309 -21.52 4.59 12.54
CA TYR B 309 -20.21 4.42 11.89
C TYR B 309 -19.14 5.27 12.58
N PHE B 310 -17.99 4.65 12.82
CA PHE B 310 -16.86 5.30 13.46
C PHE B 310 -15.67 5.29 12.50
N GLY B 311 -15.36 6.45 11.93
CA GLY B 311 -14.24 6.52 11.01
C GLY B 311 -12.95 6.71 11.77
N THR B 312 -11.93 5.94 11.41
CA THR B 312 -10.62 6.03 12.06
C THR B 312 -9.64 6.78 11.19
N ARG B 313 -8.54 7.22 11.79
CA ARG B 313 -7.51 7.96 11.10
C ARG B 313 -6.84 7.14 9.98
N ASN B 314 -6.60 5.85 10.25
CA ASN B 314 -5.93 5.01 9.27
C ASN B 314 -6.81 4.57 8.09
N GLY B 315 -7.98 5.17 7.97
CA GLY B 315 -8.86 4.87 6.85
C GLY B 315 -9.87 3.74 7.00
N LYS B 316 -9.93 3.12 8.17
CA LYS B 316 -10.88 2.06 8.37
C LYS B 316 -12.18 2.63 8.94
N PHE B 317 -13.21 1.79 9.01
CA PHE B 317 -14.50 2.18 9.54
C PHE B 317 -15.08 1.04 10.35
N TYR B 318 -15.73 1.38 11.46
CA TYR B 318 -16.35 0.38 12.33
C TYR B 318 -17.84 0.63 12.40
N ALA B 319 -18.63 -0.32 11.92
CA ALA B 319 -20.09 -0.20 11.92
C ALA B 319 -20.72 -0.89 13.12
N LEU B 320 -21.57 -0.16 13.84
CA LEU B 320 -22.25 -0.67 15.01
C LEU B 320 -23.73 -0.92 14.69
N PHE B 321 -24.21 -2.10 15.08
CA PHE B 321 -25.60 -2.49 14.82
C PHE B 321 -26.39 -2.73 16.10
N ASN B 322 -27.57 -2.11 16.18
CA ASN B 322 -28.44 -2.26 17.35
C ASN B 322 -29.32 -3.50 17.23
N LYS C 12 22.96 -9.54 -29.07
CA LYS C 12 22.34 -8.61 -28.08
C LYS C 12 21.33 -9.36 -27.19
N TRP C 13 20.85 -10.51 -27.66
CA TRP C 13 19.91 -11.33 -26.90
C TRP C 13 18.67 -10.53 -26.49
N GLU C 14 18.22 -9.62 -27.35
CA GLU C 14 17.05 -8.80 -27.05
C GLU C 14 15.77 -9.60 -26.84
N PHE C 15 15.67 -10.75 -27.49
CA PHE C 15 14.49 -11.58 -27.37
C PHE C 15 14.28 -12.22 -25.99
N LEU C 16 15.31 -12.23 -25.14
CA LEU C 16 15.14 -12.82 -23.82
C LEU C 16 15.56 -11.91 -22.67
N ILE C 17 16.42 -10.94 -22.97
CA ILE C 17 16.91 -10.01 -21.96
C ILE C 17 16.57 -8.56 -22.33
N GLY C 18 15.97 -7.84 -21.40
CA GLY C 18 15.61 -6.45 -21.66
C GLY C 18 16.50 -5.47 -20.92
N SER C 23 25.56 -6.29 -16.29
CA SER C 23 24.29 -5.83 -15.72
C SER C 23 23.51 -7.00 -15.14
N SER C 24 23.44 -8.09 -15.89
CA SER C 24 22.70 -9.27 -15.46
C SER C 24 23.53 -10.10 -14.47
N PRO C 25 22.88 -10.72 -13.48
CA PRO C 25 23.60 -11.54 -12.49
C PRO C 25 24.16 -12.82 -13.10
N ILE C 26 25.37 -13.19 -12.68
CA ILE C 26 25.99 -14.39 -13.21
C ILE C 26 26.38 -15.38 -12.11
N LEU C 27 26.13 -16.66 -12.36
CA LEU C 27 26.47 -17.70 -11.42
C LEU C 27 27.97 -17.98 -11.55
N ALA C 28 28.70 -17.86 -10.44
CA ALA C 28 30.13 -18.10 -10.45
C ALA C 28 30.43 -19.57 -10.19
N LYS C 29 31.64 -19.97 -10.54
CA LYS C 29 32.09 -21.34 -10.34
C LYS C 29 32.08 -21.74 -8.86
N ASN C 30 32.32 -20.78 -7.97
CA ASN C 30 32.35 -21.10 -6.55
C ASN C 30 30.97 -21.26 -5.92
N GLY C 31 29.93 -21.19 -6.74
CA GLY C 31 28.58 -21.36 -6.24
C GLY C 31 27.86 -20.09 -5.79
N THR C 32 28.51 -18.95 -5.94
CA THR C 32 27.88 -17.70 -5.53
C THR C 32 27.32 -16.94 -6.73
N ILE C 33 26.26 -16.18 -6.49
CA ILE C 33 25.65 -15.38 -7.54
C ILE C 33 26.22 -13.97 -7.46
N TYR C 34 26.92 -13.57 -8.52
CA TYR C 34 27.54 -12.27 -8.61
C TYR C 34 26.64 -11.30 -9.37
N LEU C 35 26.42 -10.12 -8.79
CA LEU C 35 25.55 -9.12 -9.42
C LEU C 35 26.30 -8.26 -10.43
N GLY C 36 25.57 -7.81 -11.46
CA GLY C 36 26.17 -6.97 -12.49
C GLY C 36 26.55 -5.60 -11.96
N LYS C 40 23.37 2.22 -10.73
CA LYS C 40 23.46 1.59 -9.42
C LYS C 40 24.10 2.56 -8.41
N ASN C 41 23.27 3.44 -7.84
CA ASN C 41 23.74 4.42 -6.87
C ASN C 41 23.03 4.20 -5.54
N LEU C 42 23.26 3.06 -4.92
CA LEU C 42 22.63 2.71 -3.66
C LEU C 42 23.36 3.21 -2.42
N TYR C 43 24.65 2.88 -2.32
CA TYR C 43 25.44 3.27 -1.16
C TYR C 43 26.84 3.75 -1.53
N ALA C 44 27.57 4.22 -0.52
CA ALA C 44 28.94 4.70 -0.71
C ALA C 44 29.75 4.33 0.52
N ILE C 45 30.84 3.60 0.31
CA ILE C 45 31.69 3.18 1.42
C ILE C 45 32.75 4.24 1.74
N ASN C 46 32.55 4.93 2.85
CA ASN C 46 33.48 5.99 3.28
C ASN C 46 34.88 5.44 3.53
N THR C 47 35.87 6.32 3.46
CA THR C 47 37.26 5.93 3.71
C THR C 47 37.34 5.58 5.19
N ASP C 48 36.35 6.06 5.94
CA ASP C 48 36.26 5.82 7.38
C ASP C 48 35.83 4.38 7.62
N GLY C 49 35.52 3.68 6.54
CA GLY C 49 35.09 2.29 6.65
C GLY C 49 33.58 2.17 6.70
N SER C 50 32.94 3.17 7.31
CA SER C 50 31.49 3.18 7.42
C SER C 50 30.85 3.34 6.05
N VAL C 51 29.54 3.10 5.98
CA VAL C 51 28.82 3.19 4.72
C VAL C 51 27.76 4.29 4.73
N LYS C 52 27.56 4.92 3.58
CA LYS C 52 26.56 5.97 3.45
C LYS C 52 25.50 5.54 2.45
N TRP C 53 24.25 5.47 2.91
CA TRP C 53 23.15 5.08 2.04
C TRP C 53 22.50 6.27 1.38
N PHE C 54 22.08 6.09 0.14
CA PHE C 54 21.43 7.15 -0.62
C PHE C 54 19.93 6.88 -0.76
N PHE C 55 19.23 6.90 0.37
CA PHE C 55 17.79 6.69 0.42
C PHE C 55 17.07 7.81 1.17
N GLU C 59 14.12 3.54 3.36
CA GLU C 59 14.16 3.25 4.78
C GLU C 59 15.21 2.18 5.05
N ILE C 60 16.30 2.56 5.71
CA ILE C 60 17.39 1.64 6.00
C ILE C 60 17.85 1.74 7.45
N ILE C 61 17.81 0.61 8.16
CA ILE C 61 18.23 0.59 9.56
C ILE C 61 19.30 -0.46 9.84
N GLU C 62 20.34 -0.06 10.57
CA GLU C 62 21.42 -0.96 10.93
C GLU C 62 20.95 -1.94 12.00
N CYS C 63 21.35 -3.20 11.85
CA CYS C 63 20.96 -4.24 12.79
C CYS C 63 22.10 -4.56 13.75
N ARG C 64 21.77 -5.05 14.93
CA ARG C 64 22.77 -5.41 15.93
C ARG C 64 22.73 -6.92 16.10
N PRO C 65 23.66 -7.63 15.44
CA PRO C 65 23.73 -9.10 15.52
C PRO C 65 24.01 -9.57 16.95
N SER C 66 23.82 -10.87 17.17
CA SER C 66 24.09 -11.48 18.47
C SER C 66 25.12 -12.58 18.26
N ILE C 67 25.62 -13.13 19.36
CA ILE C 67 26.59 -14.21 19.30
C ILE C 67 26.06 -15.27 20.25
N GLY C 68 25.62 -16.39 19.67
CA GLY C 68 25.08 -17.47 20.48
C GLY C 68 23.68 -17.13 20.95
N LYS C 69 23.30 -17.68 22.09
CA LYS C 69 21.97 -17.43 22.63
C LYS C 69 22.02 -16.92 24.07
N ASP C 70 23.23 -16.80 24.60
CA ASP C 70 23.45 -16.31 25.96
C ASP C 70 22.84 -14.94 26.14
N GLY C 71 23.06 -14.08 25.14
CA GLY C 71 22.56 -12.72 25.17
C GLY C 71 23.70 -11.85 24.71
N THR C 72 24.83 -12.48 24.45
CA THR C 72 26.02 -11.79 23.98
C THR C 72 25.71 -11.03 22.69
N ILE C 73 26.20 -9.80 22.60
CA ILE C 73 26.00 -8.97 21.43
C ILE C 73 27.26 -8.88 20.58
N TYR C 74 27.08 -8.87 19.27
CA TYR C 74 28.20 -8.79 18.33
C TYR C 74 28.65 -7.35 18.07
N PHE C 75 29.95 -7.11 18.21
CA PHE C 75 30.53 -5.80 17.97
C PHE C 75 31.73 -5.90 17.03
N GLY C 76 31.72 -6.89 16.15
CA GLY C 76 32.82 -7.07 15.22
C GLY C 76 32.79 -6.11 14.05
N SER C 77 33.67 -6.36 13.07
CA SER C 77 33.75 -5.51 11.88
C SER C 77 32.58 -5.67 10.93
N ASP C 78 31.89 -6.79 11.02
CA ASP C 78 30.74 -7.03 10.14
C ASP C 78 29.64 -6.03 10.42
N LYS C 79 28.94 -5.61 9.37
CA LYS C 79 27.84 -4.65 9.50
C LYS C 79 26.61 -5.16 8.77
N VAL C 80 25.48 -5.16 9.47
CA VAL C 80 24.24 -5.62 8.89
C VAL C 80 23.23 -4.50 8.79
N TYR C 81 22.61 -4.36 7.62
CA TYR C 81 21.61 -3.32 7.41
C TYR C 81 20.33 -3.91 6.87
N ALA C 82 19.21 -3.47 7.43
CA ALA C 82 17.91 -3.91 6.99
C ALA C 82 17.36 -2.86 6.03
N ILE C 83 17.26 -3.23 4.76
CA ILE C 83 16.76 -2.33 3.73
C ILE C 83 15.30 -2.59 3.44
N ASN C 84 14.49 -1.54 3.53
CA ASN C 84 13.06 -1.68 3.28
C ASN C 84 12.64 -0.65 2.25
N PRO C 85 12.85 -0.93 0.96
CA PRO C 85 12.49 -0.02 -0.12
C PRO C 85 10.99 0.26 -0.22
N SER C 101 18.55 -18.71 -12.98
CA SER C 101 17.58 -18.85 -14.05
C SER C 101 17.71 -20.23 -14.70
N ASP C 102 17.15 -20.37 -15.89
CA ASP C 102 17.21 -21.63 -16.62
C ASP C 102 18.15 -21.56 -17.80
N PHE C 103 19.03 -20.57 -17.81
CA PHE C 103 19.99 -20.43 -18.91
C PHE C 103 21.32 -19.79 -18.54
N THR C 104 22.25 -19.88 -19.48
CA THR C 104 23.57 -19.30 -19.30
C THR C 104 24.13 -19.03 -20.70
N ILE C 105 24.77 -17.89 -20.87
CA ILE C 105 25.35 -17.57 -22.17
C ILE C 105 26.86 -17.72 -22.13
N PHE C 106 27.40 -18.42 -23.13
CA PHE C 106 28.84 -18.66 -23.22
C PHE C 106 29.32 -18.36 -24.64
N GLU C 107 30.25 -17.42 -24.76
CA GLU C 107 30.81 -17.05 -26.06
C GLU C 107 29.77 -16.97 -27.18
N ASP C 108 28.88 -15.99 -27.08
CA ASP C 108 27.85 -15.77 -28.09
C ASP C 108 26.89 -16.92 -28.33
N ILE C 109 26.77 -17.80 -27.33
CA ILE C 109 25.84 -18.92 -27.44
C ILE C 109 24.99 -19.01 -26.18
N LEU C 110 23.67 -19.07 -26.37
CA LEU C 110 22.76 -19.15 -25.25
C LEU C 110 22.40 -20.62 -24.99
N TYR C 111 22.65 -21.09 -23.78
CA TYR C 111 22.31 -22.47 -23.41
C TYR C 111 21.12 -22.42 -22.46
N VAL C 112 19.98 -22.90 -22.90
CA VAL C 112 18.78 -22.85 -22.07
C VAL C 112 18.12 -24.23 -21.91
N THR C 113 17.74 -24.54 -20.68
CA THR C 113 17.11 -25.81 -20.36
C THR C 113 15.60 -25.68 -20.53
N SER C 114 14.92 -26.82 -20.65
CA SER C 114 13.48 -26.82 -20.83
C SER C 114 12.85 -27.94 -20.04
N ASP C 116 10.90 -29.69 -21.05
CA ASP C 116 10.64 -30.77 -22.01
C ASP C 116 11.83 -31.74 -22.00
N GLY C 117 12.74 -31.53 -21.05
CA GLY C 117 13.89 -32.42 -20.92
C GLY C 117 15.11 -32.16 -21.77
N HIS C 118 15.06 -31.15 -22.63
CA HIS C 118 16.21 -30.85 -23.47
C HIS C 118 17.03 -29.67 -22.98
N LEU C 119 18.29 -29.67 -23.39
CA LEU C 119 19.21 -28.57 -23.14
C LEU C 119 19.29 -27.99 -24.55
N TYR C 120 18.92 -26.73 -24.72
CA TYR C 120 18.98 -26.09 -26.04
C TYR C 120 20.14 -25.12 -26.20
N ALA C 121 20.79 -25.16 -27.35
CA ALA C 121 21.89 -24.25 -27.68
C ALA C 121 21.29 -23.30 -28.72
N ILE C 122 21.16 -22.03 -28.37
CA ILE C 122 20.54 -21.03 -29.24
C ILE C 122 21.50 -19.96 -29.77
N ASN C 123 21.36 -19.63 -31.05
CA ASN C 123 22.20 -18.62 -31.69
C ASN C 123 21.68 -17.23 -31.32
N THR C 124 22.48 -16.20 -31.58
CA THR C 124 22.05 -14.84 -31.28
C THR C 124 20.85 -14.55 -32.16
N ASP C 125 20.79 -15.26 -33.28
CA ASP C 125 19.72 -15.13 -34.26
C ASP C 125 18.42 -15.69 -33.68
N GLY C 126 18.53 -16.35 -32.54
CA GLY C 126 17.35 -16.93 -31.92
C GLY C 126 17.13 -18.33 -32.47
N THR C 127 17.86 -18.67 -33.53
CA THR C 127 17.75 -19.99 -34.16
C THR C 127 18.41 -21.03 -33.25
N GLU C 128 18.07 -22.30 -33.47
CA GLU C 128 18.61 -23.40 -32.68
C GLU C 128 19.87 -24.01 -33.29
N LYS C 129 20.96 -24.01 -32.53
CA LYS C 129 22.22 -24.59 -32.98
C LYS C 129 22.12 -26.11 -32.86
N TRP C 130 21.52 -26.57 -31.77
CA TRP C 130 21.31 -27.99 -31.51
C TRP C 130 20.57 -28.17 -30.20
N ARG C 131 20.18 -29.39 -29.90
CA ARG C 131 19.52 -29.67 -28.62
C ARG C 131 19.97 -31.05 -28.16
N PHE C 132 20.05 -31.21 -26.84
CA PHE C 132 20.47 -32.46 -26.22
C PHE C 132 19.33 -32.93 -25.34
N LYS C 133 18.90 -34.16 -25.55
CA LYS C 133 17.77 -34.69 -24.79
C LYS C 133 18.12 -35.53 -23.56
N THR C 134 17.50 -35.20 -22.42
CA THR C 134 17.71 -36.02 -21.24
C THR C 134 16.34 -36.70 -21.12
N LYS C 135 16.24 -37.69 -20.22
CA LYS C 135 15.03 -38.48 -20.06
C LYS C 135 13.82 -37.82 -19.40
N LYS C 136 14.03 -36.75 -18.63
CA LYS C 136 12.92 -36.08 -17.97
C LYS C 136 13.14 -34.59 -17.94
N ALA C 137 12.18 -33.88 -17.36
CA ALA C 137 12.24 -32.42 -17.25
C ALA C 137 13.54 -31.95 -16.60
N ILE C 138 14.05 -30.80 -17.05
CA ILE C 138 15.25 -30.22 -16.49
C ILE C 138 14.84 -28.94 -15.76
N TYR C 139 15.20 -28.85 -14.49
CA TYR C 139 14.88 -27.68 -13.67
C TYR C 139 16.17 -27.05 -13.16
N ALA C 140 17.29 -27.64 -13.51
CA ALA C 140 18.59 -27.14 -13.06
C ALA C 140 19.22 -26.12 -13.99
N THR C 141 19.94 -25.18 -13.39
CA THR C 141 20.63 -24.16 -14.14
C THR C 141 21.89 -24.79 -14.74
N PRO C 142 22.12 -24.60 -16.04
CA PRO C 142 23.31 -25.15 -16.69
C PRO C 142 24.52 -24.26 -16.47
N ILE C 143 25.71 -24.84 -16.39
CA ILE C 143 26.91 -24.04 -16.23
C ILE C 143 27.89 -24.48 -17.32
N VAL C 144 28.83 -23.61 -17.68
CA VAL C 144 29.80 -23.95 -18.72
C VAL C 144 31.25 -23.72 -18.30
N SER C 145 32.07 -24.75 -18.51
CA SER C 145 33.49 -24.71 -18.19
C SER C 145 34.22 -23.88 -19.25
N GLU C 146 35.42 -23.42 -18.94
CA GLU C 146 36.18 -22.62 -19.90
C GLU C 146 36.51 -23.42 -21.16
N ASP C 147 36.57 -24.75 -21.06
CA ASP C 147 36.88 -25.52 -22.24
C ASP C 147 35.61 -25.78 -23.07
N GLY C 148 34.51 -25.15 -22.67
CA GLY C 148 33.26 -25.30 -23.41
C GLY C 148 32.31 -26.39 -22.99
N THR C 149 32.74 -27.25 -22.08
CA THR C 149 31.90 -28.35 -21.62
C THR C 149 30.71 -27.79 -20.84
N ILE C 150 29.51 -28.25 -21.15
CA ILE C 150 28.32 -27.77 -20.45
C ILE C 150 27.88 -28.81 -19.42
N TYR C 151 27.72 -28.39 -18.16
CA TYR C 151 27.28 -29.31 -17.11
C TYR C 151 25.87 -28.96 -16.64
N VAL C 152 25.00 -29.96 -16.60
CA VAL C 152 23.63 -29.75 -16.14
C VAL C 152 22.95 -31.08 -15.78
N GLY C 153 22.16 -31.03 -14.71
CA GLY C 153 21.45 -32.20 -14.23
C GLY C 153 20.01 -32.22 -14.72
N SER C 154 19.36 -33.36 -14.56
CA SER C 154 17.98 -33.55 -15.00
C SER C 154 17.17 -34.31 -13.97
N ASN C 155 15.85 -34.26 -14.10
CA ASN C 155 15.02 -35.00 -13.16
C ASN C 155 15.17 -36.48 -13.48
N ASP C 156 15.92 -36.80 -14.54
CA ASP C 156 16.12 -38.21 -14.84
C ASP C 156 17.23 -38.79 -13.95
N ASN C 157 17.69 -37.97 -12.99
CA ASN C 157 18.72 -38.36 -12.01
C ASN C 157 20.15 -38.33 -12.49
N TYR C 158 20.36 -37.94 -13.74
CA TYR C 158 21.71 -37.90 -14.32
C TYR C 158 22.31 -36.50 -14.43
N LEU C 159 23.61 -36.44 -14.22
CA LEU C 159 24.34 -35.19 -14.37
C LEU C 159 24.99 -35.37 -15.74
N TYR C 160 24.72 -34.44 -16.66
CA TYR C 160 25.27 -34.54 -18.01
C TYR C 160 26.43 -33.59 -18.29
N ALA C 161 27.41 -34.09 -19.04
CA ALA C 161 28.55 -33.30 -19.47
C ALA C 161 28.37 -33.28 -20.99
N ILE C 162 28.03 -32.13 -21.55
CA ILE C 162 27.80 -32.03 -22.99
C ILE C 162 28.89 -31.26 -23.72
N ASN C 163 29.33 -31.77 -24.86
CA ASN C 163 30.37 -31.08 -25.64
C ASN C 163 29.78 -29.90 -26.38
N PRO C 164 30.65 -28.94 -26.80
CA PRO C 164 30.17 -27.76 -27.53
C PRO C 164 29.35 -28.11 -28.77
N ASP C 165 29.56 -29.28 -29.34
CA ASP C 165 28.79 -29.65 -30.53
C ASP C 165 27.48 -30.36 -30.19
N GLY C 166 27.11 -30.37 -28.91
CA GLY C 166 25.87 -31.01 -28.51
C GLY C 166 25.94 -32.51 -28.24
N THR C 167 27.13 -33.10 -28.37
CA THR C 167 27.29 -34.52 -28.10
C THR C 167 27.58 -34.76 -26.61
N GLU C 168 27.21 -35.94 -26.11
CA GLU C 168 27.43 -36.27 -24.70
C GLU C 168 28.88 -36.62 -24.41
N LYS C 169 29.52 -35.85 -23.56
CA LYS C 169 30.90 -36.16 -23.19
C LYS C 169 30.81 -37.36 -22.26
N TRP C 170 29.88 -37.29 -21.30
CA TRP C 170 29.61 -38.37 -20.36
C TRP C 170 28.40 -38.02 -19.48
N ARG C 171 27.95 -38.97 -18.68
CA ARG C 171 26.83 -38.72 -17.79
C ARG C 171 27.08 -39.47 -16.50
N PHE C 172 26.57 -38.96 -15.39
CA PHE C 172 26.77 -39.60 -14.09
C PHE C 172 25.40 -39.79 -13.47
N LYS C 173 25.03 -41.04 -13.24
CA LYS C 173 23.73 -41.36 -12.65
C LYS C 173 23.71 -41.30 -11.13
N THR C 174 22.66 -40.70 -10.57
CA THR C 174 22.48 -40.62 -9.13
C THR C 174 21.12 -41.27 -8.82
N ASN C 175 20.69 -41.22 -7.57
CA ASN C 175 19.42 -41.83 -7.17
C ASN C 175 18.25 -40.87 -7.05
N ASP C 176 18.45 -39.62 -7.44
CA ASP C 176 17.38 -38.63 -7.34
C ASP C 176 17.57 -37.54 -8.38
N ALA C 177 16.54 -36.70 -8.54
CA ALA C 177 16.58 -35.62 -9.50
C ALA C 177 17.62 -34.57 -9.12
N ILE C 178 18.29 -34.03 -10.13
CA ILE C 178 19.26 -32.97 -9.85
C ILE C 178 18.51 -31.71 -10.27
N THR C 179 18.11 -30.89 -9.30
CA THR C 179 17.35 -29.67 -9.58
C THR C 179 18.11 -28.38 -9.38
N SER C 180 19.37 -28.47 -8.99
CA SER C 180 20.18 -27.28 -8.78
C SER C 180 21.45 -27.33 -9.62
N ALA C 181 22.07 -26.18 -9.81
CA ALA C 181 23.29 -26.09 -10.61
C ALA C 181 24.47 -26.72 -9.90
N ALA C 182 25.50 -27.01 -10.68
CA ALA C 182 26.73 -27.58 -10.13
C ALA C 182 27.67 -26.42 -9.87
N SER C 183 28.76 -26.73 -9.16
CA SER C 183 29.80 -25.76 -8.82
C SER C 183 31.10 -26.43 -9.25
N ILE C 184 32.12 -25.65 -9.58
CA ILE C 184 33.40 -26.21 -10.04
C ILE C 184 34.59 -25.74 -9.20
N GLY C 185 35.35 -26.69 -8.69
CA GLY C 185 36.52 -26.35 -7.88
C GLY C 185 37.71 -25.93 -8.72
N LYS C 186 38.74 -25.41 -8.06
CA LYS C 186 39.94 -24.93 -8.73
C LYS C 186 40.63 -25.95 -9.63
N ASP C 187 40.49 -27.23 -9.30
CA ASP C 187 41.11 -28.29 -10.09
C ASP C 187 40.12 -28.85 -11.11
N GLY C 188 38.98 -28.21 -11.25
CA GLY C 188 38.00 -28.68 -12.21
C GLY C 188 36.99 -29.68 -11.67
N THR C 189 37.12 -30.08 -10.41
CA THR C 189 36.17 -31.02 -9.82
C THR C 189 34.78 -30.37 -9.88
N ILE C 190 33.76 -31.16 -10.22
CA ILE C 190 32.38 -30.69 -10.31
C ILE C 190 31.63 -31.16 -9.08
N TYR C 191 30.99 -30.24 -8.37
CA TYR C 191 30.21 -30.58 -7.18
C TYR C 191 28.75 -30.25 -7.42
N PHE C 192 27.87 -31.16 -7.04
CA PHE C 192 26.44 -30.94 -7.21
C PHE C 192 25.70 -31.85 -6.23
N GLY C 193 24.41 -31.63 -6.06
CA GLY C 193 23.66 -32.48 -5.15
C GLY C 193 22.37 -33.05 -5.69
N SER C 194 22.03 -34.25 -5.22
CA SER C 194 20.77 -34.90 -5.56
C SER C 194 20.49 -35.76 -4.33
N ASP C 195 20.49 -37.09 -4.43
CA ASP C 195 20.22 -37.88 -3.24
C ASP C 195 21.32 -37.63 -2.21
N LYS C 196 22.44 -37.11 -2.65
CA LYS C 196 23.54 -36.74 -1.76
C LYS C 196 24.42 -35.72 -2.47
N VAL C 197 25.52 -35.33 -1.84
CA VAL C 197 26.42 -34.38 -2.46
C VAL C 197 27.50 -35.17 -3.19
N TYR C 198 27.66 -34.90 -4.48
CA TYR C 198 28.65 -35.60 -5.28
C TYR C 198 29.77 -34.68 -5.76
N ALA C 199 30.98 -35.24 -5.79
CA ALA C 199 32.16 -34.54 -6.29
C ALA C 199 32.62 -35.43 -7.44
N ILE C 200 32.53 -34.92 -8.66
CA ILE C 200 32.88 -35.65 -9.87
C ILE C 200 34.16 -35.13 -10.53
N ASN C 201 35.05 -36.04 -10.91
CA ASN C 201 36.28 -35.63 -11.58
C ASN C 201 35.87 -35.19 -12.99
N PRO C 202 36.68 -34.35 -13.64
CA PRO C 202 36.39 -33.87 -15.00
C PRO C 202 36.23 -35.02 -16.01
N ASP C 203 36.84 -36.16 -15.71
CA ASP C 203 36.72 -37.29 -16.63
C ASP C 203 35.42 -38.06 -16.44
N GLY C 204 34.57 -37.59 -15.55
CA GLY C 204 33.29 -38.24 -15.35
C GLY C 204 33.22 -39.33 -14.29
N THR C 205 34.33 -39.62 -13.61
CA THR C 205 34.31 -40.62 -12.55
C THR C 205 34.06 -39.89 -11.24
N GLU C 206 33.67 -40.61 -10.20
CA GLU C 206 33.40 -39.98 -8.91
C GLU C 206 34.65 -39.84 -8.04
N LYS C 207 34.80 -38.69 -7.39
CA LYS C 207 35.94 -38.50 -6.49
C LYS C 207 35.44 -38.96 -5.12
N TRP C 208 34.23 -38.55 -4.77
CA TRP C 208 33.57 -38.95 -3.53
C TRP C 208 32.14 -38.43 -3.49
N ASN C 209 31.39 -38.88 -2.49
CA ASN C 209 30.03 -38.43 -2.29
C ASN C 209 29.85 -38.28 -0.79
N PHE C 210 28.94 -37.41 -0.39
CA PHE C 210 28.68 -37.13 1.01
C PHE C 210 27.18 -36.87 1.21
N TYR C 211 26.59 -37.55 2.19
CA TYR C 211 25.17 -37.40 2.48
C TYR C 211 24.99 -36.34 3.56
N ALA C 212 24.35 -35.22 3.20
CA ALA C 212 24.15 -34.12 4.14
C ALA C 212 22.86 -34.20 4.97
N GLY C 213 22.48 -35.41 5.38
CA GLY C 213 21.29 -35.59 6.19
C GLY C 213 19.98 -35.32 5.47
N TYR C 214 20.06 -35.20 4.14
CA TYR C 214 18.89 -34.95 3.34
C TYR C 214 19.33 -34.83 1.89
N TRP C 215 18.38 -34.93 0.96
CA TRP C 215 18.73 -34.79 -0.44
C TRP C 215 19.10 -33.31 -0.56
N THR C 216 20.03 -32.99 -1.46
CA THR C 216 20.49 -31.62 -1.64
C THR C 216 19.75 -30.92 -2.78
N VAL C 217 19.23 -29.71 -2.52
CA VAL C 217 18.48 -28.96 -3.53
C VAL C 217 19.07 -27.58 -3.76
N THR C 218 20.24 -27.33 -3.19
CA THR C 218 20.92 -26.05 -3.35
C THR C 218 22.32 -26.34 -3.87
N ARG C 219 22.95 -25.33 -4.45
CA ARG C 219 24.28 -25.51 -4.99
C ARG C 219 25.34 -25.35 -3.90
N PRO C 220 26.44 -26.09 -4.02
CA PRO C 220 27.54 -26.03 -3.04
C PRO C 220 28.34 -24.74 -3.20
N ALA C 221 28.87 -24.25 -2.09
CA ALA C 221 29.68 -23.04 -2.07
C ALA C 221 31.13 -23.50 -1.85
N ILE C 222 32.06 -23.02 -2.66
CA ILE C 222 33.47 -23.42 -2.54
C ILE C 222 34.36 -22.25 -2.15
N SER C 223 35.09 -22.38 -1.05
CA SER C 223 35.98 -21.31 -0.60
C SER C 223 37.30 -21.39 -1.35
N GLU C 224 38.15 -20.38 -1.14
CA GLU C 224 39.45 -20.31 -1.80
C GLU C 224 40.37 -21.47 -1.41
N ASP C 225 40.24 -21.96 -0.18
CA ASP C 225 41.10 -23.06 0.27
C ASP C 225 40.59 -24.43 -0.19
N GLY C 226 39.45 -24.44 -0.86
CA GLY C 226 38.92 -25.71 -1.35
C GLY C 226 37.85 -26.38 -0.51
N THR C 227 37.46 -25.78 0.60
CA THR C 227 36.44 -26.36 1.45
C THR C 227 35.09 -26.23 0.74
N ILE C 228 34.28 -27.28 0.76
CA ILE C 228 32.96 -27.22 0.14
C ILE C 228 31.88 -27.03 1.21
N TYR C 229 31.06 -25.99 1.07
CA TYR C 229 30.01 -25.73 2.06
C TYR C 229 28.64 -26.00 1.49
N VAL C 230 27.81 -26.67 2.27
CA VAL C 230 26.48 -26.96 1.80
C VAL C 230 25.47 -26.83 2.93
N THR C 231 24.37 -26.15 2.63
CA THR C 231 23.30 -25.99 3.62
C THR C 231 22.43 -27.21 3.41
N SER C 232 21.71 -27.62 4.46
CA SER C 232 20.86 -28.79 4.38
C SER C 232 19.46 -28.57 4.91
N LEU C 233 18.49 -29.27 4.33
CA LEU C 233 17.12 -29.16 4.80
C LEU C 233 17.01 -29.73 6.21
N ASP C 234 18.09 -30.32 6.72
CA ASP C 234 18.05 -30.88 8.07
C ASP C 234 18.46 -29.81 9.09
N GLY C 235 18.63 -28.58 8.62
CA GLY C 235 18.97 -27.48 9.50
C GLY C 235 20.44 -27.24 9.77
N HIS C 236 21.32 -28.05 9.20
CA HIS C 236 22.75 -27.90 9.41
C HIS C 236 23.47 -27.25 8.23
N LEU C 237 24.59 -26.62 8.53
CA LEU C 237 25.45 -26.06 7.52
C LEU C 237 26.61 -27.04 7.56
N TYR C 238 26.91 -27.69 6.44
CA TYR C 238 28.00 -28.65 6.39
C TYR C 238 29.24 -28.12 5.69
N ALA C 239 30.39 -28.43 6.28
CA ALA C 239 31.68 -28.03 5.74
C ALA C 239 32.37 -29.34 5.37
N ILE C 240 32.68 -29.51 4.09
CA ILE C 240 33.31 -30.73 3.59
C ILE C 240 34.71 -30.50 3.06
N ASN C 241 35.67 -31.27 3.55
CA ASN C 241 37.05 -31.15 3.10
C ASN C 241 37.16 -31.61 1.65
N PRO C 242 38.20 -31.17 0.95
CA PRO C 242 38.40 -31.54 -0.46
C PRO C 242 38.43 -33.07 -0.64
N ASP C 243 38.80 -33.81 0.41
CA ASP C 243 38.85 -35.27 0.29
C ASP C 243 37.52 -35.96 0.60
N GLY C 244 36.46 -35.17 0.79
CA GLY C 244 35.16 -35.76 1.05
C GLY C 244 34.81 -35.95 2.52
N THR C 245 35.78 -35.79 3.41
CA THR C 245 35.51 -35.95 4.84
C THR C 245 34.84 -34.70 5.39
N GLU C 246 34.00 -34.88 6.40
CA GLU C 246 33.30 -33.77 7.02
C GLU C 246 34.25 -32.97 7.93
N LYS C 247 34.43 -31.68 7.64
CA LYS C 247 35.29 -30.85 8.46
C LYS C 247 34.52 -30.54 9.73
N TRP C 248 33.27 -30.14 9.58
CA TRP C 248 32.40 -29.83 10.70
C TRP C 248 31.00 -29.54 10.20
N ARG C 249 30.11 -29.27 11.15
CA ARG C 249 28.72 -28.94 10.82
C ARG C 249 28.17 -28.01 11.89
N PHE C 250 27.32 -27.07 11.46
CA PHE C 250 26.71 -26.12 12.38
C PHE C 250 25.21 -26.33 12.39
N LYS C 251 24.68 -26.68 13.55
CA LYS C 251 23.25 -26.95 13.74
C LYS C 251 22.45 -25.67 14.01
N THR C 252 21.25 -25.59 13.45
CA THR C 252 20.38 -24.42 13.69
C THR C 252 19.00 -24.86 14.12
N GLY C 253 18.64 -26.10 13.82
CA GLY C 253 17.32 -26.58 14.19
C GLY C 253 16.20 -26.10 13.27
N LYS C 254 16.56 -25.35 12.24
CA LYS C 254 15.60 -24.83 11.27
C LYS C 254 16.07 -25.17 9.85
N ARG C 255 15.17 -25.68 9.02
CA ARG C 255 15.55 -26.04 7.67
C ARG C 255 16.09 -24.86 6.88
N ILE C 256 17.13 -25.12 6.08
CA ILE C 256 17.75 -24.11 5.25
C ILE C 256 17.38 -24.50 3.82
N GLU C 257 16.69 -23.60 3.12
CA GLU C 257 16.26 -23.89 1.76
C GLU C 257 17.03 -23.10 0.70
N SER C 258 18.07 -22.39 1.11
CA SER C 258 18.87 -21.62 0.16
C SER C 258 20.35 -21.89 0.37
N SER C 259 21.14 -21.64 -0.66
CA SER C 259 22.58 -21.87 -0.61
C SER C 259 23.30 -20.88 0.30
N PRO C 260 24.50 -21.24 0.74
CA PRO C 260 25.28 -20.36 1.60
C PRO C 260 26.13 -19.47 0.68
N VAL C 261 26.68 -18.39 1.23
CA VAL C 261 27.51 -17.48 0.44
C VAL C 261 28.78 -17.15 1.23
N ILE C 262 29.89 -16.97 0.53
CA ILE C 262 31.16 -16.65 1.20
C ILE C 262 31.64 -15.23 0.90
N GLY C 263 31.99 -14.49 1.95
CA GLY C 263 32.45 -13.12 1.77
C GLY C 263 33.94 -13.01 1.53
N ASN C 264 34.42 -11.80 1.26
CA ASN C 264 35.85 -11.59 0.99
C ASN C 264 36.66 -11.77 2.27
N THR C 265 36.04 -12.39 3.27
CA THR C 265 36.70 -12.60 4.55
C THR C 265 36.71 -14.07 4.97
N ASP C 266 36.23 -14.94 4.09
CA ASP C 266 36.18 -16.38 4.39
C ASP C 266 35.02 -16.76 5.29
N THR C 267 34.28 -15.77 5.78
CA THR C 267 33.13 -16.05 6.63
C THR C 267 32.04 -16.68 5.76
N ILE C 268 31.31 -17.65 6.29
CA ILE C 268 30.23 -18.30 5.53
C ILE C 268 28.90 -17.76 6.05
N TYR C 269 28.04 -17.32 5.14
CA TYR C 269 26.73 -16.78 5.55
C TYR C 269 25.58 -17.57 4.92
N PHE C 270 24.46 -17.61 5.63
CA PHE C 270 23.28 -18.30 5.15
C PHE C 270 22.09 -17.96 6.04
N GLY C 271 20.90 -18.27 5.55
CA GLY C 271 19.70 -18.00 6.35
C GLY C 271 18.73 -19.16 6.35
N SER C 272 18.18 -19.48 7.51
CA SER C 272 17.19 -20.56 7.61
C SER C 272 15.86 -20.04 7.05
N TYR C 273 14.91 -20.94 6.82
CA TYR C 273 13.62 -20.59 6.25
C TYR C 273 12.88 -19.45 6.93
N ASP C 274 13.04 -19.32 8.24
CA ASP C 274 12.35 -18.28 9.01
C ASP C 274 13.06 -16.92 9.00
N GLY C 275 14.13 -16.83 8.21
CA GLY C 275 14.86 -15.57 8.13
C GLY C 275 15.95 -15.38 9.15
N HIS C 276 16.29 -16.45 9.88
CA HIS C 276 17.34 -16.33 10.88
C HIS C 276 18.69 -16.41 10.15
N LEU C 277 19.42 -15.30 10.12
CA LEU C 277 20.71 -15.22 9.46
C LEU C 277 21.84 -15.70 10.36
N TYR C 278 22.85 -16.31 9.73
CA TYR C 278 24.01 -16.83 10.44
C TYR C 278 25.31 -16.51 9.72
N ALA C 279 26.37 -16.26 10.50
CA ALA C 279 27.69 -15.98 9.97
C ALA C 279 28.60 -16.92 10.72
N ILE C 280 29.18 -17.88 10.00
CA ILE C 280 30.06 -18.86 10.63
C ILE C 280 31.52 -18.64 10.20
N ASN C 281 32.44 -18.89 11.11
CA ASN C 281 33.85 -18.75 10.79
C ASN C 281 34.30 -20.03 10.11
N PRO C 282 35.39 -19.96 9.33
CA PRO C 282 35.89 -21.16 8.63
C PRO C 282 36.24 -22.33 9.55
N ASP C 283 36.36 -22.06 10.84
CA ASP C 283 36.71 -23.11 11.80
C ASP C 283 35.48 -23.82 12.38
N GLY C 284 34.30 -23.35 12.01
CA GLY C 284 33.08 -23.99 12.49
C GLY C 284 32.37 -23.25 13.61
N THR C 285 33.05 -22.27 14.20
CA THR C 285 32.45 -21.47 15.27
C THR C 285 31.62 -20.35 14.70
N GLU C 286 30.56 -19.98 15.42
CA GLU C 286 29.68 -18.92 15.01
C GLU C 286 30.33 -17.55 15.18
N LYS C 287 30.12 -16.66 14.22
CA LYS C 287 30.65 -15.31 14.32
C LYS C 287 29.51 -14.45 14.85
N TRP C 288 28.31 -14.71 14.36
CA TRP C 288 27.10 -14.00 14.80
C TRP C 288 25.84 -14.56 14.16
N ASN C 289 24.70 -14.23 14.75
CA ASN C 289 23.43 -14.68 14.22
C ASN C 289 22.43 -13.55 14.42
N PHE C 290 21.49 -13.42 13.50
CA PHE C 290 20.48 -12.33 13.58
C PHE C 290 19.13 -12.78 13.10
N GLU C 291 18.12 -12.62 13.95
CA GLU C 291 16.75 -12.99 13.60
C GLU C 291 16.07 -11.79 12.95
N THR C 292 15.70 -11.94 11.69
CA THR C 292 15.07 -10.85 10.93
C THR C 292 13.55 -10.93 11.00
N GLY C 293 13.02 -12.06 11.43
CA GLY C 293 11.57 -12.22 11.52
C GLY C 293 10.91 -12.19 10.15
N SER C 294 11.73 -12.28 9.11
CA SER C 294 11.24 -12.28 7.73
C SER C 294 11.75 -13.51 7.00
N TRP C 295 10.82 -14.41 6.68
CA TRP C 295 11.15 -15.66 5.99
C TRP C 295 11.98 -15.45 4.74
N ILE C 296 12.99 -16.30 4.58
CA ILE C 296 13.88 -16.24 3.42
C ILE C 296 13.90 -17.54 2.64
N ILE C 297 13.77 -17.42 1.32
CA ILE C 297 13.80 -18.59 0.45
C ILE C 297 14.78 -18.31 -0.70
N ALA C 298 14.94 -17.04 -1.05
CA ALA C 298 15.84 -16.65 -2.12
C ALA C 298 17.32 -16.88 -1.77
N THR C 299 18.14 -17.10 -2.79
CA THR C 299 19.57 -17.29 -2.61
C THR C 299 20.23 -15.93 -2.41
N PRO C 300 21.22 -15.85 -1.52
CA PRO C 300 21.88 -14.56 -1.30
C PRO C 300 22.72 -14.24 -2.54
N VAL C 301 23.04 -12.96 -2.71
CA VAL C 301 23.84 -12.50 -3.85
C VAL C 301 24.91 -11.53 -3.35
N ILE C 302 25.95 -11.35 -4.14
CA ILE C 302 27.05 -10.43 -3.78
C ILE C 302 27.34 -9.50 -4.96
N ASP C 303 27.65 -8.24 -4.67
CA ASP C 303 27.96 -7.28 -5.72
C ASP C 303 29.46 -7.11 -5.92
N GLU C 304 29.82 -6.17 -6.79
CA GLU C 304 31.22 -5.89 -7.10
C GLU C 304 32.07 -5.61 -5.86
N ASN C 305 31.52 -4.84 -4.93
CA ASN C 305 32.25 -4.49 -3.70
C ASN C 305 32.33 -5.63 -2.70
N GLY C 306 31.64 -6.74 -2.99
CA GLY C 306 31.66 -7.87 -2.08
C GLY C 306 30.56 -7.81 -1.03
N THR C 307 29.64 -6.85 -1.19
CA THR C 307 28.54 -6.71 -0.26
C THR C 307 27.52 -7.81 -0.52
N ILE C 308 27.12 -8.50 0.54
CA ILE C 308 26.16 -9.59 0.44
C ILE C 308 24.73 -9.10 0.67
N TYR C 309 23.79 -9.64 -0.11
CA TYR C 309 22.39 -9.27 0.02
C TYR C 309 21.50 -10.48 0.19
N PHE C 310 20.70 -10.49 1.25
CA PHE C 310 19.76 -11.56 1.52
C PHE C 310 18.36 -11.01 1.27
N GLY C 311 17.70 -11.49 0.23
CA GLY C 311 16.35 -11.02 -0.07
C GLY C 311 15.33 -11.84 0.70
N THR C 312 14.32 -11.19 1.28
CA THR C 312 13.30 -11.89 2.04
C THR C 312 11.99 -11.94 1.27
N ARG C 313 11.12 -12.88 1.63
CA ARG C 313 9.82 -13.01 0.96
C ARG C 313 9.00 -11.73 1.03
N ASN C 314 9.06 -11.03 2.17
CA ASN C 314 8.27 -9.82 2.33
C ASN C 314 8.84 -8.55 1.71
N GLY C 315 9.65 -8.72 0.66
CA GLY C 315 10.22 -7.59 -0.05
C GLY C 315 11.40 -6.87 0.58
N LYS C 316 11.85 -7.32 1.74
CA LYS C 316 12.99 -6.67 2.39
C LYS C 316 14.32 -7.22 1.88
N PHE C 317 15.39 -6.50 2.18
CA PHE C 317 16.73 -6.88 1.76
C PHE C 317 17.70 -6.58 2.90
N TYR C 318 18.52 -7.57 3.25
CA TYR C 318 19.50 -7.37 4.31
C TYR C 318 20.89 -7.41 3.69
N ALA C 319 21.63 -6.33 3.85
CA ALA C 319 22.98 -6.22 3.29
C ALA C 319 24.02 -6.47 4.36
N LEU C 320 25.07 -7.19 4.00
CA LEU C 320 26.15 -7.51 4.93
C LEU C 320 27.49 -6.93 4.44
N PHE C 321 28.13 -6.13 5.28
CA PHE C 321 29.43 -5.53 4.95
C PHE C 321 30.50 -6.05 5.89
N ASN C 322 31.73 -6.13 5.39
CA ASN C 322 32.86 -6.60 6.19
C ASN C 322 34.13 -5.83 5.86
N ILE D 11 4.43 -3.12 11.24
CA ILE D 11 4.15 -1.88 10.45
C ILE D 11 4.31 -0.65 11.35
N LYS D 12 4.80 0.44 10.78
CA LYS D 12 5.00 1.66 11.55
C LYS D 12 3.79 2.59 11.42
N TRP D 13 3.41 3.23 12.53
CA TRP D 13 2.28 4.16 12.54
C TRP D 13 0.97 3.49 12.10
N GLU D 14 0.89 2.18 12.29
CA GLU D 14 -0.28 1.42 11.90
C GLU D 14 -1.56 1.95 12.54
N PHE D 15 -1.43 2.59 13.69
CA PHE D 15 -2.56 3.15 14.41
C PHE D 15 -3.00 4.52 13.88
N LEU D 16 -2.10 5.17 13.14
CA LEU D 16 -2.38 6.49 12.59
C LEU D 16 -2.54 6.50 11.08
N ILE D 17 -1.55 5.93 10.37
CA ILE D 17 -1.58 5.89 8.92
C ILE D 17 -1.95 4.51 8.40
N GLY D 18 -2.77 4.48 7.36
CA GLY D 18 -3.17 3.21 6.79
C GLY D 18 -2.03 2.59 5.99
N ASN D 19 -2.06 1.27 5.87
CA ASN D 19 -1.04 0.55 5.11
C ASN D 19 -1.71 -0.53 4.26
N SER D 20 -1.18 -0.74 3.07
CA SER D 20 -1.70 -1.73 2.14
C SER D 20 -0.76 -2.91 2.01
N ILE D 21 -1.32 -4.12 2.01
CA ILE D 21 -0.51 -5.33 1.86
C ILE D 21 -0.14 -5.48 0.39
N ASP D 22 1.10 -5.90 0.14
CA ASP D 22 1.58 -6.09 -1.21
C ASP D 22 0.74 -7.09 -1.99
N SER D 23 0.13 -6.62 -3.08
CA SER D 23 -0.72 -7.44 -3.92
C SER D 23 0.10 -8.48 -4.70
N SER D 24 -0.22 -9.75 -4.50
CA SER D 24 0.48 -10.82 -5.19
C SER D 24 -0.52 -11.72 -5.94
N PRO D 25 -0.15 -12.17 -7.15
CA PRO D 25 -1.03 -13.02 -7.94
C PRO D 25 -1.50 -14.24 -7.15
N ILE D 26 -2.74 -14.65 -7.35
CA ILE D 26 -3.27 -15.81 -6.64
C ILE D 26 -3.84 -16.85 -7.60
N LEU D 27 -3.61 -18.11 -7.30
CA LEU D 27 -4.10 -19.21 -8.13
C LEU D 27 -5.60 -19.39 -8.00
N ALA D 28 -6.27 -19.44 -9.14
CA ALA D 28 -7.72 -19.63 -9.18
C ALA D 28 -7.99 -21.13 -9.33
N LYS D 29 -9.15 -21.57 -8.86
CA LYS D 29 -9.51 -22.98 -8.94
C LYS D 29 -9.61 -23.49 -10.37
N ASN D 30 -10.04 -22.63 -11.29
CA ASN D 30 -10.20 -23.03 -12.69
C ASN D 30 -8.87 -23.15 -13.43
N GLY D 31 -7.76 -23.14 -12.69
CA GLY D 31 -6.46 -23.28 -13.31
C GLY D 31 -5.83 -21.98 -13.79
N THR D 32 -6.58 -20.90 -13.67
CA THR D 32 -6.09 -19.60 -14.10
C THR D 32 -5.42 -18.88 -12.94
N ILE D 33 -4.70 -17.81 -13.25
CA ILE D 33 -4.02 -17.04 -12.21
C ILE D 33 -4.52 -15.60 -12.24
N TYR D 34 -5.08 -15.14 -11.12
CA TYR D 34 -5.58 -13.78 -11.03
C TYR D 34 -4.48 -12.81 -10.61
N LEU D 35 -4.45 -11.66 -11.28
CA LEU D 35 -3.47 -10.62 -11.00
C LEU D 35 -3.37 -10.33 -9.51
N SER D 38 -5.81 -5.30 -7.90
CA SER D 38 -6.71 -4.82 -8.95
C SER D 38 -5.91 -4.24 -10.11
N ASN D 39 -6.59 -3.51 -11.00
CA ASN D 39 -5.92 -2.92 -12.15
C ASN D 39 -5.88 -1.39 -12.03
N LYS D 40 -6.16 -0.90 -10.82
CA LYS D 40 -6.16 0.54 -10.56
C LYS D 40 -4.81 1.19 -10.88
N ASN D 41 -3.76 0.38 -10.88
CA ASN D 41 -2.41 0.88 -11.16
C ASN D 41 -1.99 0.63 -12.60
N LEU D 42 -2.85 0.00 -13.39
CA LEU D 42 -2.53 -0.32 -14.77
C LEU D 42 -3.34 0.45 -15.81
N TYR D 43 -4.65 0.53 -15.63
CA TYR D 43 -5.49 1.21 -16.58
C TYR D 43 -6.89 1.51 -16.06
N ALA D 44 -7.65 2.22 -16.88
CA ALA D 44 -9.02 2.58 -16.58
C ALA D 44 -9.84 2.31 -17.82
N ILE D 45 -11.11 1.97 -17.62
CA ILE D 45 -11.99 1.70 -18.74
C ILE D 45 -12.92 2.88 -18.95
N ASN D 46 -12.76 3.54 -20.10
CA ASN D 46 -13.58 4.70 -20.44
C ASN D 46 -15.03 4.30 -20.58
N THR D 47 -15.92 5.29 -20.50
CA THR D 47 -17.35 5.04 -20.62
C THR D 47 -17.71 4.39 -21.95
N ASP D 48 -17.03 4.79 -23.02
CA ASP D 48 -17.30 4.22 -24.34
C ASP D 48 -16.76 2.81 -24.46
N GLY D 49 -16.03 2.36 -23.43
CA GLY D 49 -15.46 1.02 -23.46
C GLY D 49 -13.98 0.98 -23.77
N SER D 50 -13.45 2.07 -24.33
CA SER D 50 -12.03 2.16 -24.68
C SER D 50 -11.18 1.97 -23.42
N VAL D 51 -9.91 1.58 -23.62
CA VAL D 51 -9.01 1.37 -22.49
C VAL D 51 -7.94 2.45 -22.42
N LYS D 52 -7.64 2.92 -21.22
CA LYS D 52 -6.62 3.94 -21.06
C LYS D 52 -5.52 3.43 -20.13
N TRP D 53 -4.35 3.16 -20.73
CA TRP D 53 -3.20 2.65 -19.98
C TRP D 53 -2.46 3.75 -19.23
N PHE D 54 -2.07 3.45 -18.00
CA PHE D 54 -1.38 4.40 -17.16
C PHE D 54 0.12 4.34 -17.35
N PHE D 55 0.54 4.47 -18.60
CA PHE D 55 1.96 4.47 -18.96
C PHE D 55 2.18 5.57 -19.98
N LYS D 56 3.42 6.01 -20.11
CA LYS D 56 3.76 7.07 -21.06
C LYS D 56 3.38 6.54 -22.45
N SER D 57 2.94 7.46 -23.30
CA SER D 57 2.53 7.09 -24.65
C SER D 57 3.58 6.25 -25.37
N GLY D 58 4.84 6.68 -25.29
CA GLY D 58 5.91 5.94 -25.95
C GLY D 58 6.12 4.53 -25.45
N GLU D 59 5.62 4.22 -24.26
CA GLU D 59 5.76 2.89 -23.69
C GLU D 59 4.66 1.93 -24.13
N ILE D 60 3.72 2.43 -24.92
CA ILE D 60 2.59 1.62 -25.38
C ILE D 60 2.53 1.50 -26.90
N ILE D 61 2.47 0.27 -27.40
CA ILE D 61 2.39 0.03 -28.84
C ILE D 61 1.31 -1.00 -29.18
N GLU D 62 0.26 -0.55 -29.84
CA GLU D 62 -0.83 -1.44 -30.22
C GLU D 62 -0.35 -2.45 -31.25
N CYS D 63 -0.64 -3.72 -31.00
CA CYS D 63 -0.25 -4.80 -31.91
C CYS D 63 -1.35 -5.15 -32.88
N ARG D 64 -0.94 -5.63 -34.05
CA ARG D 64 -1.88 -6.04 -35.08
C ARG D 64 -1.79 -7.54 -35.31
N PRO D 65 -2.66 -8.31 -34.65
CA PRO D 65 -2.67 -9.77 -34.78
C PRO D 65 -2.97 -10.26 -36.19
N SER D 66 -2.52 -11.48 -36.49
CA SER D 66 -2.76 -12.06 -37.80
C SER D 66 -3.75 -13.22 -37.63
N ILE D 67 -4.18 -13.79 -38.75
CA ILE D 67 -5.08 -14.93 -38.72
C ILE D 67 -4.44 -15.95 -39.64
N GLY D 68 -3.97 -17.06 -39.06
CA GLY D 68 -3.32 -18.07 -39.87
C GLY D 68 -1.95 -17.62 -40.33
N LYS D 69 -1.38 -18.32 -41.30
CA LYS D 69 -0.07 -17.99 -41.82
C LYS D 69 -0.16 -17.31 -43.19
N ASP D 70 -1.39 -17.11 -43.66
CA ASP D 70 -1.65 -16.48 -44.95
C ASP D 70 -1.21 -15.03 -44.96
N GLY D 71 -1.33 -14.37 -43.81
CA GLY D 71 -0.94 -12.99 -43.71
C GLY D 71 -2.15 -12.10 -43.53
N THR D 72 -3.32 -12.71 -43.46
CA THR D 72 -4.56 -11.97 -43.27
C THR D 72 -4.53 -11.25 -41.93
N ILE D 73 -4.99 -10.01 -41.91
CA ILE D 73 -5.01 -9.23 -40.67
C ILE D 73 -6.28 -9.47 -39.88
N TYR D 74 -6.14 -9.51 -38.56
CA TYR D 74 -7.26 -9.73 -37.68
C TYR D 74 -7.97 -8.41 -37.36
N PHE D 75 -9.29 -8.42 -37.49
CA PHE D 75 -10.11 -7.23 -37.21
C PHE D 75 -11.26 -7.65 -36.32
N GLY D 76 -11.02 -7.69 -35.01
CA GLY D 76 -12.08 -8.09 -34.09
C GLY D 76 -12.06 -7.25 -32.83
N SER D 77 -12.90 -7.63 -31.87
CA SER D 77 -12.97 -6.89 -30.62
C SER D 77 -11.72 -7.08 -29.75
N ASP D 78 -10.93 -8.12 -30.03
CA ASP D 78 -9.72 -8.35 -29.24
C ASP D 78 -8.66 -7.30 -29.54
N LYS D 79 -8.18 -6.62 -28.50
CA LYS D 79 -7.15 -5.60 -28.66
C LYS D 79 -5.88 -6.09 -27.95
N VAL D 80 -4.75 -5.99 -28.64
CA VAL D 80 -3.47 -6.43 -28.11
C VAL D 80 -2.48 -5.27 -28.01
N TYR D 81 -1.97 -5.04 -26.80
CA TYR D 81 -1.03 -3.95 -26.55
C TYR D 81 0.32 -4.45 -26.03
N ALA D 82 1.39 -3.87 -26.57
CA ALA D 82 2.74 -4.20 -26.14
C ALA D 82 3.18 -3.03 -25.25
N ILE D 83 3.38 -3.29 -23.97
CA ILE D 83 3.79 -2.25 -23.03
C ILE D 83 5.19 -2.53 -22.52
N ASN D 84 6.06 -1.53 -22.61
CA ASN D 84 7.43 -1.66 -22.16
C ASN D 84 7.68 -0.60 -21.09
N PRO D 85 7.31 -0.91 -19.84
CA PRO D 85 7.46 -0.01 -18.69
C PRO D 85 8.91 0.32 -18.35
N ASP D 86 9.14 1.57 -17.99
CA ASP D 86 10.46 2.02 -17.60
C ASP D 86 10.70 1.47 -16.21
N GLY D 87 11.97 1.39 -15.80
CA GLY D 87 12.30 0.85 -14.49
C GLY D 87 11.43 1.41 -13.38
N THR D 88 11.17 2.71 -13.43
CA THR D 88 10.36 3.38 -12.42
C THR D 88 8.88 3.01 -12.46
N GLU D 89 8.44 2.51 -13.61
CA GLU D 89 7.05 2.13 -13.77
C GLU D 89 6.91 0.61 -13.83
N LYS D 90 7.92 -0.09 -13.34
CA LYS D 90 7.92 -1.55 -13.35
C LYS D 90 7.01 -2.13 -12.28
N TRP D 91 6.86 -1.41 -11.17
CA TRP D 91 6.02 -1.86 -10.07
C TRP D 91 4.55 -2.08 -10.46
N ARG D 92 4.06 -1.34 -11.44
CA ARG D 92 2.67 -1.48 -11.86
C ARG D 92 2.33 -2.91 -12.27
N PHE D 93 3.29 -3.60 -12.86
CA PHE D 93 3.09 -4.97 -13.27
C PHE D 93 4.44 -5.69 -13.25
N SER D 101 2.58 -19.44 -6.10
CA SER D 101 3.66 -20.18 -6.73
C SER D 101 4.53 -20.89 -5.69
N ASP D 102 4.00 -21.05 -4.49
CA ASP D 102 4.73 -21.70 -3.40
C ASP D 102 3.87 -21.96 -2.16
N PHE D 103 2.91 -21.07 -1.92
CA PHE D 103 2.03 -21.23 -0.77
C PHE D 103 0.64 -20.72 -1.08
N THR D 104 -0.28 -20.94 -0.15
CA THR D 104 -1.65 -20.47 -0.30
C THR D 104 -2.24 -20.28 1.08
N ILE D 105 -2.90 -19.13 1.27
CA ILE D 105 -3.52 -18.81 2.55
C ILE D 105 -5.02 -19.06 2.49
N PHE D 106 -5.52 -19.83 3.46
CA PHE D 106 -6.93 -20.16 3.52
C PHE D 106 -7.41 -20.09 4.96
N GLU D 107 -8.52 -19.39 5.17
CA GLU D 107 -9.11 -19.22 6.49
C GLU D 107 -8.07 -18.96 7.58
N ASP D 108 -7.30 -17.89 7.43
CA ASP D 108 -6.30 -17.52 8.43
C ASP D 108 -5.19 -18.54 8.65
N ILE D 109 -4.98 -19.43 7.68
CA ILE D 109 -3.92 -20.42 7.80
C ILE D 109 -3.05 -20.43 6.56
N LEU D 110 -1.74 -20.53 6.77
CA LEU D 110 -0.78 -20.55 5.68
C LEU D 110 -0.39 -21.98 5.34
N TYR D 111 -0.61 -22.36 4.09
CA TYR D 111 -0.27 -23.71 3.62
C TYR D 111 0.89 -23.57 2.64
N VAL D 112 2.09 -23.86 3.11
CA VAL D 112 3.28 -23.75 2.28
C VAL D 112 4.01 -25.07 2.13
N THR D 113 4.45 -25.36 0.91
CA THR D 113 5.18 -26.59 0.64
C THR D 113 6.67 -26.33 0.70
N SER D 114 7.45 -27.37 0.95
CA SER D 114 8.90 -27.22 1.02
C SER D 114 9.61 -28.28 0.19
N ASP D 116 11.76 -29.97 1.23
CA ASP D 116 12.12 -31.05 2.14
C ASP D 116 11.04 -32.12 2.12
N GLY D 117 10.11 -31.99 1.16
CA GLY D 117 9.05 -32.96 1.00
C GLY D 117 7.80 -32.78 1.83
N HIS D 118 7.75 -31.80 2.72
CA HIS D 118 6.57 -31.59 3.56
C HIS D 118 5.64 -30.47 3.13
N LEU D 119 4.38 -30.58 3.56
CA LEU D 119 3.37 -29.57 3.33
C LEU D 119 3.22 -29.02 4.74
N TYR D 120 3.51 -27.73 4.93
CA TYR D 120 3.38 -27.14 6.26
C TYR D 120 2.15 -26.27 6.36
N ALA D 121 1.52 -26.32 7.52
CA ALA D 121 0.34 -25.51 7.81
C ALA D 121 0.75 -24.69 9.03
N ILE D 122 0.94 -23.39 8.82
CA ILE D 122 1.36 -22.53 9.93
C ILE D 122 0.33 -21.45 10.26
N ASN D 123 0.37 -21.00 11.51
CA ASN D 123 -0.53 -19.98 12.01
C ASN D 123 -0.04 -18.57 11.69
N THR D 124 -0.88 -17.59 11.97
CA THR D 124 -0.56 -16.19 11.72
C THR D 124 0.65 -15.73 12.53
N ASP D 125 0.92 -16.39 13.63
CA ASP D 125 2.05 -16.01 14.48
C ASP D 125 3.35 -16.61 13.97
N GLY D 126 3.25 -17.45 12.94
CA GLY D 126 4.45 -18.06 12.39
C GLY D 126 4.74 -19.44 12.92
N THR D 127 3.99 -19.88 13.92
CA THR D 127 4.21 -21.20 14.51
C THR D 127 3.60 -22.28 13.61
N GLU D 128 4.10 -23.50 13.76
CA GLU D 128 3.65 -24.64 12.96
C GLU D 128 2.45 -25.35 13.57
N LYS D 129 1.35 -25.37 12.82
CA LYS D 129 0.14 -26.04 13.28
C LYS D 129 0.37 -27.53 13.10
N TRP D 130 0.82 -27.91 11.92
CA TRP D 130 1.15 -29.31 11.60
C TRP D 130 1.91 -29.40 10.28
N ARG D 131 2.47 -30.58 10.01
CA ARG D 131 3.18 -30.82 8.76
C ARG D 131 2.88 -32.21 8.25
N PHE D 132 2.82 -32.35 6.93
CA PHE D 132 2.53 -33.63 6.30
C PHE D 132 3.72 -33.98 5.41
N LYS D 133 4.24 -35.20 5.56
CA LYS D 133 5.40 -35.61 4.79
C LYS D 133 5.15 -36.47 3.57
N THR D 134 5.87 -36.18 2.49
CA THR D 134 5.76 -37.00 1.27
C THR D 134 7.17 -37.56 1.14
N LYS D 135 7.37 -38.53 0.25
CA LYS D 135 8.67 -39.16 0.11
C LYS D 135 9.73 -38.36 -0.64
N LYS D 136 9.31 -37.29 -1.30
CA LYS D 136 10.25 -36.48 -2.05
C LYS D 136 9.91 -35.00 -2.00
N ALA D 137 10.85 -34.18 -2.48
CA ALA D 137 10.67 -32.73 -2.50
C ALA D 137 9.38 -32.34 -3.20
N ILE D 138 8.77 -31.26 -2.75
CA ILE D 138 7.55 -30.77 -3.38
C ILE D 138 7.86 -29.44 -4.05
N TYR D 139 7.43 -29.29 -5.29
CA TYR D 139 7.66 -28.05 -6.02
C TYR D 139 6.33 -27.45 -6.46
N ALA D 140 5.25 -28.21 -6.25
CA ALA D 140 3.91 -27.78 -6.63
C ALA D 140 3.26 -26.86 -5.60
N THR D 141 2.51 -25.88 -6.08
CA THR D 141 1.81 -24.98 -5.19
C THR D 141 0.57 -25.70 -4.69
N PRO D 142 0.31 -25.65 -3.38
CA PRO D 142 -0.87 -26.33 -2.82
C PRO D 142 -2.14 -25.54 -3.13
N ILE D 143 -3.26 -26.24 -3.19
CA ILE D 143 -4.54 -25.59 -3.46
C ILE D 143 -5.54 -26.20 -2.47
N VAL D 144 -6.44 -25.36 -1.93
CA VAL D 144 -7.42 -25.84 -0.96
C VAL D 144 -8.84 -25.77 -1.54
N SER D 145 -9.59 -26.85 -1.38
CA SER D 145 -10.95 -26.91 -1.89
C SER D 145 -11.92 -26.19 -0.97
N GLU D 146 -13.21 -26.27 -1.31
CA GLU D 146 -14.27 -25.66 -0.53
C GLU D 146 -14.28 -26.16 0.91
N ASP D 147 -14.35 -27.48 1.07
CA ASP D 147 -14.40 -28.08 2.40
C ASP D 147 -13.09 -28.00 3.17
N GLY D 148 -12.07 -27.39 2.59
CA GLY D 148 -10.81 -27.28 3.29
C GLY D 148 -9.78 -28.36 2.97
N THR D 149 -10.10 -29.26 2.06
CA THR D 149 -9.15 -30.32 1.69
C THR D 149 -8.02 -29.68 0.88
N ILE D 150 -6.78 -29.94 1.28
CA ILE D 150 -5.62 -29.40 0.59
C ILE D 150 -5.09 -30.40 -0.43
N TYR D 151 -4.94 -29.97 -1.68
CA TYR D 151 -4.44 -30.85 -2.74
C TYR D 151 -3.05 -30.41 -3.17
N VAL D 152 -2.11 -31.35 -3.21
CA VAL D 152 -0.76 -31.03 -3.62
C VAL D 152 0.02 -32.27 -4.02
N GLY D 153 0.70 -32.18 -5.15
CA GLY D 153 1.50 -33.29 -5.65
C GLY D 153 2.95 -33.18 -5.20
N SER D 154 3.67 -34.29 -5.29
CA SER D 154 5.07 -34.35 -4.88
C SER D 154 5.93 -35.02 -5.94
N ASN D 155 7.26 -34.84 -5.83
CA ASN D 155 8.18 -35.47 -6.76
C ASN D 155 8.16 -36.99 -6.55
N ASP D 156 7.40 -37.46 -5.55
CA ASP D 156 7.31 -38.90 -5.32
C ASP D 156 6.23 -39.50 -6.22
N ASN D 157 5.74 -38.68 -7.14
CA ASN D 157 4.74 -39.09 -8.11
C ASN D 157 3.31 -39.18 -7.61
N TYR D 158 3.10 -38.90 -6.33
CA TYR D 158 1.76 -38.98 -5.75
C TYR D 158 1.05 -37.64 -5.57
N LEU D 159 -0.25 -37.62 -5.80
CA LEU D 159 -1.05 -36.43 -5.57
C LEU D 159 -1.67 -36.70 -4.19
N TYR D 160 -1.43 -35.80 -3.23
CA TYR D 160 -1.98 -35.97 -1.88
C TYR D 160 -3.14 -35.05 -1.56
N ALA D 161 -4.13 -35.58 -0.85
CA ALA D 161 -5.30 -34.83 -0.40
C ALA D 161 -5.25 -34.86 1.13
N ILE D 162 -4.91 -33.72 1.72
CA ILE D 162 -4.78 -33.63 3.18
C ILE D 162 -5.96 -32.92 3.81
N ASN D 163 -6.40 -33.44 4.96
CA ASN D 163 -7.52 -32.85 5.68
C ASN D 163 -7.04 -31.61 6.42
N PRO D 164 -7.98 -30.77 6.87
CA PRO D 164 -7.65 -29.54 7.60
C PRO D 164 -6.80 -29.81 8.84
N ASP D 165 -6.95 -30.99 9.44
CA ASP D 165 -6.20 -31.31 10.64
C ASP D 165 -4.83 -31.89 10.34
N GLY D 166 -4.52 -32.08 9.05
CA GLY D 166 -3.21 -32.61 8.70
C GLY D 166 -3.17 -34.08 8.34
N THR D 167 -4.26 -34.79 8.63
CA THR D 167 -4.33 -36.22 8.31
C THR D 167 -4.54 -36.42 6.82
N GLU D 168 -4.13 -37.57 6.31
CA GLU D 168 -4.27 -37.88 4.89
C GLU D 168 -5.68 -38.35 4.57
N LYS D 169 -6.28 -37.74 3.56
CA LYS D 169 -7.63 -38.11 3.14
C LYS D 169 -7.46 -39.25 2.14
N TRP D 170 -6.43 -39.15 1.32
CA TRP D 170 -6.10 -40.15 0.32
C TRP D 170 -4.96 -39.68 -0.56
N ARG D 171 -4.43 -40.59 -1.38
CA ARG D 171 -3.33 -40.26 -2.26
C ARG D 171 -3.61 -40.93 -3.60
N PHE D 172 -2.96 -40.44 -4.65
CA PHE D 172 -3.15 -41.01 -5.98
C PHE D 172 -1.81 -41.13 -6.66
N LYS D 173 -1.48 -42.34 -7.08
CA LYS D 173 -0.21 -42.61 -7.72
C LYS D 173 -0.20 -42.38 -9.23
N THR D 174 0.88 -41.77 -9.71
CA THR D 174 1.09 -41.53 -11.13
C THR D 174 2.49 -42.03 -11.37
N ASN D 175 2.97 -41.90 -12.61
CA ASN D 175 4.30 -42.39 -12.93
C ASN D 175 5.34 -41.30 -13.14
N ASP D 176 5.08 -40.11 -12.61
CA ASP D 176 6.00 -39.01 -12.77
C ASP D 176 5.77 -37.97 -11.69
N ALA D 177 6.80 -37.16 -11.42
CA ALA D 177 6.73 -36.12 -10.41
C ALA D 177 5.64 -35.08 -10.72
N ILE D 178 4.94 -34.65 -9.68
CA ILE D 178 3.90 -33.63 -9.81
C ILE D 178 4.58 -32.33 -9.42
N THR D 179 4.84 -31.47 -10.41
CA THR D 179 5.51 -30.21 -10.15
C THR D 179 4.60 -28.99 -10.25
N SER D 180 3.41 -29.17 -10.81
CA SER D 180 2.48 -28.06 -10.94
C SER D 180 1.27 -28.24 -10.04
N ALA D 181 0.59 -27.14 -9.74
CA ALA D 181 -0.58 -27.17 -8.88
C ALA D 181 -1.77 -27.81 -9.59
N ALA D 182 -2.78 -28.20 -8.81
CA ALA D 182 -3.97 -28.83 -9.37
C ALA D 182 -5.04 -27.78 -9.66
N SER D 183 -6.07 -28.19 -10.40
CA SER D 183 -7.20 -27.32 -10.72
C SER D 183 -8.46 -28.04 -10.20
N ILE D 184 -9.46 -27.28 -9.78
CA ILE D 184 -10.71 -27.84 -9.25
C ILE D 184 -11.91 -27.31 -10.01
N GLY D 185 -12.75 -28.21 -10.52
CA GLY D 185 -13.93 -27.79 -11.24
C GLY D 185 -15.11 -27.67 -10.28
N LYS D 186 -16.21 -27.08 -10.74
CA LYS D 186 -17.39 -26.90 -9.90
C LYS D 186 -17.95 -28.24 -9.45
N ASP D 187 -17.66 -29.28 -10.22
CA ASP D 187 -18.13 -30.62 -9.91
C ASP D 187 -17.31 -31.24 -8.78
N GLY D 188 -16.18 -30.63 -8.46
CA GLY D 188 -15.33 -31.15 -7.40
C GLY D 188 -14.19 -31.99 -7.96
N THR D 189 -14.22 -32.25 -9.25
CA THR D 189 -13.18 -33.05 -9.90
C THR D 189 -11.83 -32.35 -9.77
N ILE D 190 -10.78 -33.12 -9.53
CA ILE D 190 -9.43 -32.54 -9.41
C ILE D 190 -8.63 -32.83 -10.69
N TYR D 191 -8.12 -31.77 -11.32
CA TYR D 191 -7.33 -31.92 -12.55
C TYR D 191 -5.88 -31.53 -12.34
N PHE D 192 -4.96 -32.39 -12.77
CA PHE D 192 -3.53 -32.13 -12.65
C PHE D 192 -2.78 -33.01 -13.63
N GLY D 193 -1.49 -32.76 -13.78
CA GLY D 193 -0.72 -33.58 -14.70
C GLY D 193 0.67 -33.97 -14.24
N SER D 194 1.15 -35.10 -14.75
CA SER D 194 2.50 -35.59 -14.47
C SER D 194 2.87 -36.39 -15.72
N ASP D 195 2.96 -37.71 -15.61
CA ASP D 195 3.31 -38.52 -16.77
C ASP D 195 2.24 -38.34 -17.84
N LYS D 196 1.06 -37.92 -17.39
CA LYS D 196 -0.07 -37.66 -18.27
C LYS D 196 -1.05 -36.77 -17.51
N VAL D 197 -2.16 -36.40 -18.14
CA VAL D 197 -3.16 -35.56 -17.49
C VAL D 197 -4.12 -36.48 -16.75
N TYR D 198 -4.48 -36.09 -15.52
CA TYR D 198 -5.39 -36.89 -14.71
C TYR D 198 -6.58 -36.09 -14.20
N ALA D 199 -7.71 -36.78 -14.07
CA ALA D 199 -8.94 -36.20 -13.56
C ALA D 199 -9.41 -37.15 -12.46
N ILE D 200 -9.27 -36.71 -11.20
CA ILE D 200 -9.66 -37.53 -10.05
C ILE D 200 -10.92 -37.02 -9.35
N ASN D 201 -11.76 -37.94 -8.90
CA ASN D 201 -12.98 -37.59 -8.19
C ASN D 201 -12.61 -37.18 -6.76
N PRO D 202 -13.53 -36.51 -6.05
CA PRO D 202 -13.29 -36.06 -4.67
C PRO D 202 -12.88 -37.17 -3.70
N ASP D 203 -13.28 -38.41 -4.00
CA ASP D 203 -12.94 -39.54 -3.13
C ASP D 203 -11.58 -40.15 -3.46
N GLY D 204 -10.89 -39.57 -4.44
CA GLY D 204 -9.58 -40.07 -4.81
C GLY D 204 -9.61 -41.10 -5.92
N THR D 205 -10.79 -41.30 -6.50
CA THR D 205 -10.94 -42.25 -7.59
C THR D 205 -10.68 -41.55 -8.91
N GLU D 206 -9.92 -42.19 -9.78
CA GLU D 206 -9.61 -41.60 -11.07
C GLU D 206 -10.82 -41.64 -11.99
N LYS D 207 -11.23 -40.47 -12.47
CA LYS D 207 -12.37 -40.36 -13.38
C LYS D 207 -11.89 -40.75 -14.78
N TRP D 208 -10.67 -40.32 -15.10
CA TRP D 208 -10.03 -40.64 -16.38
C TRP D 208 -8.66 -39.99 -16.47
N ASN D 209 -7.93 -40.31 -17.53
CA ASN D 209 -6.61 -39.74 -17.76
C ASN D 209 -6.49 -39.48 -19.25
N PHE D 210 -5.56 -38.58 -19.60
CA PHE D 210 -5.35 -38.20 -20.98
C PHE D 210 -3.87 -37.85 -21.18
N TYR D 211 -3.25 -38.46 -22.17
CA TYR D 211 -1.84 -38.19 -22.46
C TYR D 211 -1.74 -37.14 -23.55
N ALA D 212 -1.21 -35.97 -23.20
CA ALA D 212 -1.09 -34.88 -24.13
C ALA D 212 0.19 -34.88 -24.97
N GLY D 213 0.62 -36.06 -25.40
CA GLY D 213 1.81 -36.18 -26.23
C GLY D 213 3.13 -35.83 -25.57
N TYR D 214 3.13 -35.76 -24.26
CA TYR D 214 4.33 -35.40 -23.49
C TYR D 214 3.89 -35.31 -22.04
N TRP D 215 4.83 -35.44 -21.10
CA TRP D 215 4.48 -35.30 -19.69
C TRP D 215 4.01 -33.86 -19.48
N THR D 216 3.13 -33.67 -18.50
CA THR D 216 2.54 -32.37 -18.19
C THR D 216 3.27 -31.65 -17.05
N VAL D 217 3.50 -30.35 -17.25
CA VAL D 217 4.19 -29.52 -16.25
C VAL D 217 3.47 -28.21 -15.99
N THR D 218 2.24 -28.10 -16.50
CA THR D 218 1.43 -26.89 -16.32
C THR D 218 0.04 -27.21 -15.81
N ARG D 219 -0.65 -26.20 -15.28
CA ARG D 219 -2.00 -26.40 -14.76
C ARG D 219 -3.02 -26.48 -15.88
N PRO D 220 -4.01 -27.37 -15.75
CA PRO D 220 -5.03 -27.47 -16.79
C PRO D 220 -6.03 -26.32 -16.58
N ALA D 221 -6.62 -25.81 -17.66
CA ALA D 221 -7.60 -24.72 -17.56
C ALA D 221 -8.98 -25.35 -17.70
N ILE D 222 -9.87 -25.03 -16.78
CA ILE D 222 -11.23 -25.59 -16.76
C ILE D 222 -12.27 -24.56 -17.18
N SER D 223 -12.92 -24.77 -18.31
CA SER D 223 -13.95 -23.83 -18.75
C SER D 223 -15.22 -24.09 -17.96
N GLU D 224 -16.15 -23.15 -18.05
CA GLU D 224 -17.43 -23.21 -17.37
C GLU D 224 -18.23 -24.48 -17.71
N ASP D 225 -18.22 -24.89 -18.97
CA ASP D 225 -18.96 -26.08 -19.37
C ASP D 225 -18.26 -27.41 -19.11
N GLY D 226 -17.13 -27.38 -18.40
CA GLY D 226 -16.44 -28.62 -18.10
C GLY D 226 -15.34 -29.01 -19.06
N THR D 227 -15.16 -28.25 -20.13
CA THR D 227 -14.11 -28.54 -21.10
C THR D 227 -12.76 -28.22 -20.44
N ILE D 228 -11.82 -29.16 -20.52
CA ILE D 228 -10.50 -28.96 -19.94
C ILE D 228 -9.48 -28.64 -21.03
N TYR D 229 -8.77 -27.54 -20.84
CA TYR D 229 -7.75 -27.14 -21.79
C TYR D 229 -6.36 -27.29 -21.19
N VAL D 230 -5.46 -27.93 -21.91
CA VAL D 230 -4.09 -28.09 -21.45
C VAL D 230 -3.12 -27.85 -22.61
N THR D 231 -2.08 -27.08 -22.34
CA THR D 231 -1.06 -26.83 -23.35
C THR D 231 -0.10 -28.01 -23.18
N SER D 232 0.77 -28.21 -24.16
CA SER D 232 1.72 -29.32 -24.07
C SER D 232 3.08 -28.97 -24.63
N LEU D 233 4.11 -29.59 -24.06
CA LEU D 233 5.47 -29.38 -24.53
C LEU D 233 5.59 -29.89 -25.95
N ASP D 234 4.58 -30.60 -26.44
CA ASP D 234 4.66 -31.09 -27.80
C ASP D 234 4.20 -30.04 -28.81
N GLY D 235 3.90 -28.85 -28.33
CA GLY D 235 3.49 -27.77 -29.23
C GLY D 235 2.00 -27.64 -29.50
N HIS D 236 1.17 -28.52 -28.94
CA HIS D 236 -0.27 -28.44 -29.17
C HIS D 236 -1.06 -27.87 -27.99
N LEU D 237 -2.25 -27.36 -28.30
CA LEU D 237 -3.20 -26.90 -27.28
C LEU D 237 -4.25 -28.00 -27.41
N TYR D 238 -4.55 -28.68 -26.32
CA TYR D 238 -5.54 -29.74 -26.35
C TYR D 238 -6.79 -29.33 -25.60
N ALA D 239 -7.94 -29.73 -26.12
CA ALA D 239 -9.23 -29.47 -25.49
C ALA D 239 -9.72 -30.88 -25.14
N ILE D 240 -10.10 -31.08 -23.89
CA ILE D 240 -10.56 -32.39 -23.44
C ILE D 240 -12.00 -32.29 -22.97
N ASN D 241 -12.83 -33.25 -23.38
CA ASN D 241 -14.24 -33.28 -22.99
C ASN D 241 -14.34 -33.79 -21.56
N PRO D 242 -15.45 -33.49 -20.88
CA PRO D 242 -15.67 -33.93 -19.50
C PRO D 242 -15.47 -35.43 -19.31
N ASP D 243 -15.74 -36.21 -20.35
CA ASP D 243 -15.59 -37.67 -20.27
C ASP D 243 -14.18 -38.16 -20.58
N GLY D 244 -13.23 -37.24 -20.70
CA GLY D 244 -11.86 -37.64 -20.98
C GLY D 244 -11.48 -37.75 -22.44
N THR D 245 -12.48 -37.81 -23.33
CA THR D 245 -12.19 -37.90 -24.76
C THR D 245 -11.65 -36.57 -25.26
N GLU D 246 -10.86 -36.62 -26.33
CA GLU D 246 -10.28 -35.41 -26.91
C GLU D 246 -11.33 -34.67 -27.73
N LYS D 247 -11.51 -33.38 -27.45
CA LYS D 247 -12.48 -32.57 -28.19
C LYS D 247 -11.82 -32.10 -29.48
N TRP D 248 -10.56 -31.67 -29.36
CA TRP D 248 -9.77 -31.23 -30.50
C TRP D 248 -8.36 -30.85 -30.04
N ARG D 249 -7.50 -30.54 -30.99
CA ARG D 249 -6.14 -30.12 -30.67
C ARG D 249 -5.74 -29.07 -31.70
N PHE D 250 -4.86 -28.15 -31.31
CA PHE D 250 -4.36 -27.09 -32.20
C PHE D 250 -2.84 -27.07 -32.15
N LYS D 251 -2.21 -27.43 -33.27
CA LYS D 251 -0.75 -27.49 -33.38
C LYS D 251 -0.05 -26.16 -33.65
N THR D 252 1.09 -25.94 -33.01
CA THR D 252 1.86 -24.71 -33.26
C THR D 252 3.27 -25.05 -33.73
N GLY D 253 3.76 -26.22 -33.34
CA GLY D 253 5.10 -26.60 -33.75
C GLY D 253 6.17 -26.05 -32.82
N LYS D 254 5.74 -25.34 -31.78
CA LYS D 254 6.68 -24.77 -30.82
C LYS D 254 6.25 -25.21 -29.43
N ARG D 255 7.19 -25.71 -28.65
CA ARG D 255 6.86 -26.17 -27.30
C ARG D 255 6.19 -25.08 -26.46
N ILE D 256 5.15 -25.46 -25.72
CA ILE D 256 4.43 -24.52 -24.86
C ILE D 256 4.81 -24.90 -23.44
N GLU D 257 5.33 -23.93 -22.70
CA GLU D 257 5.79 -24.18 -21.34
C GLU D 257 4.93 -23.53 -20.26
N SER D 258 3.82 -22.91 -20.66
CA SER D 258 2.93 -22.25 -19.72
C SER D 258 1.49 -22.70 -19.94
N SER D 259 0.65 -22.47 -18.93
CA SER D 259 -0.76 -22.84 -18.99
C SER D 259 -1.53 -21.83 -19.85
N PRO D 260 -2.67 -22.26 -20.40
CA PRO D 260 -3.50 -21.39 -21.23
C PRO D 260 -4.47 -20.66 -20.30
N VAL D 261 -5.08 -19.59 -20.79
CA VAL D 261 -6.04 -18.82 -20.00
C VAL D 261 -7.32 -18.58 -20.82
N ILE D 262 -8.47 -18.58 -20.16
CA ILE D 262 -9.75 -18.38 -20.82
C ILE D 262 -10.27 -16.96 -20.64
N GLY D 263 -10.61 -16.30 -21.74
CA GLY D 263 -11.13 -14.94 -21.66
C GLY D 263 -12.61 -14.90 -21.34
N ASN D 264 -13.19 -13.70 -21.25
CA ASN D 264 -14.60 -13.55 -20.94
C ASN D 264 -15.48 -13.98 -22.11
N THR D 265 -14.86 -14.19 -23.26
CA THR D 265 -15.59 -14.60 -24.46
C THR D 265 -15.37 -16.09 -24.74
N ASP D 266 -14.83 -16.80 -23.75
CA ASP D 266 -14.55 -18.23 -23.85
C ASP D 266 -13.36 -18.52 -24.78
N THR D 267 -12.73 -17.47 -25.31
CA THR D 267 -11.57 -17.65 -26.17
C THR D 267 -10.46 -18.24 -25.29
N ILE D 268 -9.61 -19.09 -25.86
CA ILE D 268 -8.51 -19.70 -25.12
C ILE D 268 -7.20 -19.15 -25.63
N TYR D 269 -6.44 -18.50 -24.75
CA TYR D 269 -5.16 -17.89 -25.13
C TYR D 269 -3.96 -18.60 -24.50
N PHE D 270 -2.83 -18.58 -25.20
CA PHE D 270 -1.60 -19.18 -24.70
C PHE D 270 -0.44 -18.66 -25.55
N GLY D 271 0.78 -18.95 -25.14
CA GLY D 271 1.94 -18.51 -25.89
C GLY D 271 3.01 -19.58 -25.86
N SER D 272 3.64 -19.82 -27.02
CA SER D 272 4.71 -20.80 -27.09
C SER D 272 5.97 -20.16 -26.51
N TYR D 273 7.04 -20.93 -26.34
CA TYR D 273 8.28 -20.44 -25.74
C TYR D 273 8.89 -19.20 -26.38
N ASP D 274 8.76 -19.10 -27.70
CA ASP D 274 9.32 -17.97 -28.44
C ASP D 274 8.47 -16.69 -28.38
N GLY D 275 7.42 -16.71 -27.57
CA GLY D 275 6.59 -15.52 -27.47
C GLY D 275 5.51 -15.41 -28.53
N HIS D 276 5.25 -16.50 -29.25
CA HIS D 276 4.22 -16.46 -30.28
C HIS D 276 2.89 -16.67 -29.56
N LEU D 277 2.04 -15.65 -29.57
CA LEU D 277 0.73 -15.68 -28.91
C LEU D 277 -0.38 -16.23 -29.81
N TYR D 278 -1.27 -17.02 -29.24
CA TYR D 278 -2.39 -17.59 -29.99
C TYR D 278 -3.74 -17.41 -29.29
N ALA D 279 -4.78 -17.20 -30.08
CA ALA D 279 -6.15 -17.04 -29.58
C ALA D 279 -6.95 -18.13 -30.28
N ILE D 280 -7.49 -19.08 -29.52
CA ILE D 280 -8.25 -20.17 -30.11
C ILE D 280 -9.71 -20.15 -29.70
N ASN D 281 -10.60 -20.31 -30.68
CA ASN D 281 -12.04 -20.34 -30.39
C ASN D 281 -12.36 -21.69 -29.76
N PRO D 282 -13.47 -21.78 -29.03
CA PRO D 282 -13.90 -23.00 -28.37
C PRO D 282 -14.08 -24.19 -29.30
N ASP D 283 -14.08 -23.96 -30.62
CA ASP D 283 -14.23 -25.09 -31.53
C ASP D 283 -12.89 -25.56 -32.09
N GLY D 284 -11.79 -25.01 -31.57
CA GLY D 284 -10.48 -25.41 -32.02
C GLY D 284 -9.98 -24.63 -33.22
N THR D 285 -10.81 -23.73 -33.73
CA THR D 285 -10.41 -22.90 -34.86
C THR D 285 -9.68 -21.68 -34.31
N GLU D 286 -8.69 -21.19 -35.06
CA GLU D 286 -7.91 -20.03 -34.63
C GLU D 286 -8.65 -18.70 -34.78
N LYS D 287 -8.57 -17.85 -33.76
CA LYS D 287 -9.19 -16.53 -33.85
C LYS D 287 -8.10 -15.61 -34.38
N TRP D 288 -6.90 -15.69 -33.77
CA TRP D 288 -5.75 -14.90 -34.23
C TRP D 288 -4.45 -15.40 -33.61
N ASN D 289 -3.34 -14.87 -34.10
CA ASN D 289 -2.04 -15.22 -33.56
C ASN D 289 -1.15 -14.01 -33.79
N PHE D 290 -0.16 -13.81 -32.92
CA PHE D 290 0.72 -12.68 -33.05
C PHE D 290 2.13 -13.03 -32.56
N GLU D 291 3.15 -12.81 -33.38
CA GLU D 291 4.51 -13.08 -32.94
C GLU D 291 5.06 -11.83 -32.24
N THR D 292 5.38 -11.96 -30.96
CA THR D 292 5.89 -10.84 -30.19
C THR D 292 7.40 -10.66 -30.35
N GLY D 293 8.10 -11.74 -30.69
CA GLY D 293 9.53 -11.66 -30.83
C GLY D 293 10.21 -11.68 -29.47
N SER D 294 9.41 -11.80 -28.43
CA SER D 294 9.92 -11.84 -27.05
C SER D 294 9.56 -13.17 -26.40
N TRP D 295 10.58 -13.95 -26.02
CA TRP D 295 10.38 -15.24 -25.37
C TRP D 295 9.57 -15.10 -24.08
N ILE D 296 8.67 -16.05 -23.84
CA ILE D 296 7.87 -16.04 -22.63
C ILE D 296 7.98 -17.38 -21.91
N ILE D 297 7.99 -17.33 -20.59
CA ILE D 297 8.08 -18.54 -19.78
C ILE D 297 7.03 -18.47 -18.68
N ALA D 298 6.75 -17.25 -18.21
CA ALA D 298 5.75 -17.04 -17.16
C ALA D 298 4.35 -17.31 -17.70
N THR D 299 3.48 -17.81 -16.85
CA THR D 299 2.11 -18.08 -17.27
C THR D 299 1.32 -16.79 -17.27
N PRO D 300 0.38 -16.65 -18.21
CA PRO D 300 -0.44 -15.45 -18.30
C PRO D 300 -1.27 -15.24 -17.05
N VAL D 301 -1.65 -13.99 -16.79
CA VAL D 301 -2.47 -13.65 -15.63
C VAL D 301 -3.68 -12.88 -16.13
N ILE D 302 -4.78 -12.94 -15.38
CA ILE D 302 -5.99 -12.26 -15.79
C ILE D 302 -6.60 -11.47 -14.63
N ASP D 303 -7.04 -10.24 -14.89
CA ASP D 303 -7.63 -9.42 -13.83
C ASP D 303 -9.16 -9.50 -13.80
N GLU D 304 -9.73 -8.84 -12.80
CA GLU D 304 -11.17 -8.79 -12.56
C GLU D 304 -11.97 -8.43 -13.82
N ASN D 305 -11.41 -7.56 -14.64
CA ASN D 305 -12.08 -7.12 -15.86
C ASN D 305 -11.99 -8.13 -16.99
N GLY D 306 -11.16 -9.15 -16.81
CA GLY D 306 -11.00 -10.15 -17.84
C GLY D 306 -9.81 -9.86 -18.73
N THR D 307 -9.07 -8.81 -18.40
CA THR D 307 -7.89 -8.44 -19.17
C THR D 307 -6.80 -9.46 -18.89
N ILE D 308 -6.11 -9.90 -19.93
CA ILE D 308 -5.05 -10.91 -19.80
C ILE D 308 -3.67 -10.32 -20.09
N TYR D 309 -2.70 -10.66 -19.23
CA TYR D 309 -1.34 -10.17 -19.34
C TYR D 309 -0.30 -11.28 -19.58
N PHE D 310 0.54 -11.09 -20.59
CA PHE D 310 1.60 -12.05 -20.88
C PHE D 310 2.94 -11.36 -20.63
N GLY D 311 3.55 -11.65 -19.49
CA GLY D 311 4.83 -11.05 -19.18
C GLY D 311 5.92 -11.77 -19.95
N THR D 312 6.90 -11.03 -20.45
CA THR D 312 7.98 -11.62 -21.23
C THR D 312 9.29 -11.65 -20.45
N ARG D 313 10.27 -12.38 -20.96
CA ARG D 313 11.57 -12.49 -20.30
C ARG D 313 12.32 -11.15 -20.31
N ASN D 314 12.18 -10.38 -21.40
CA ASN D 314 12.87 -9.10 -21.52
C ASN D 314 12.30 -7.92 -20.72
N GLY D 315 11.45 -8.20 -19.74
CA GLY D 315 10.91 -7.13 -18.92
C GLY D 315 9.65 -6.41 -19.37
N LYS D 316 9.03 -6.83 -20.47
CA LYS D 316 7.81 -6.17 -20.90
C LYS D 316 6.63 -7.11 -20.74
N PHE D 317 5.46 -6.68 -21.17
CA PHE D 317 4.29 -7.55 -21.08
C PHE D 317 3.27 -7.18 -22.14
N TYR D 318 2.52 -8.17 -22.61
CA TYR D 318 1.50 -7.96 -23.62
C TYR D 318 0.15 -8.11 -22.98
N ALA D 319 -0.72 -7.11 -23.18
CA ALA D 319 -2.04 -7.16 -22.60
C ALA D 319 -3.09 -7.41 -23.67
N LEU D 320 -4.07 -8.24 -23.33
CA LEU D 320 -5.14 -8.57 -24.24
C LEU D 320 -6.40 -7.97 -23.64
N PHE D 321 -6.96 -7.01 -24.35
CA PHE D 321 -8.16 -6.31 -23.88
C PHE D 321 -9.32 -6.50 -24.84
N ASN D 322 -10.49 -6.78 -24.30
CA ASN D 322 -11.68 -6.99 -25.12
C ASN D 322 -12.78 -5.99 -24.77
#